data_9KTK
#
_entry.id   9KTK
#
_cell.length_a   71.582
_cell.length_b   120.362
_cell.length_c   134.974
_cell.angle_alpha   90.00
_cell.angle_beta   90.00
_cell.angle_gamma   90.00
#
_symmetry.space_group_name_H-M   'P 21 21 21'
#
loop_
_entity.id
_entity.type
_entity.pdbx_description
1 polymer 'NAD-dependent protein deacetylase sirtuin-3, mitochondrial'
2 non-polymer 'ZINC ION'
3 non-polymer 'methyl 2-azanyl-1-[(4-fluorophenyl)methyl]pyrrolo[3,2-b]quinoxaline-3-carboxylate'
4 non-polymer 'MAGNESIUM ION'
#
_entity_poly.entity_id   1
_entity_poly.type   'polypeptide(L)'
_entity_poly.pdbx_seq_one_letter_code
;SNASDKGKLSLQDVAELIRARACQRVVVMVGAGISTPSGIPDFRSPGSGLYSNLQQYDLPYPEAIFELPFFFHNPKPFFT
LAKELYPGNYKPNVTHYFLRLLHDKGLLLRLYTQNIDGLERVSGIPASKLVEAHGTFASATCTVCQRPFPGEDIRADVMA
DRVPRCPVCTGVVKPDIVFFGEPLPQRFLLHVVDFPMADLLLILGTSLEVEPFASLTEAVRSSVPRLLINRDLVGPLAWH
PRSRDVAQLGDVVHGVESLVELLGWTEEMRDLVQRET
;
_entity_poly.pdbx_strand_id   A,B,C,D
#
# COMPACT_ATOMS: atom_id res chain seq x y z
N LYS A 6 -22.54 -6.40 -11.92
CA LYS A 6 -23.88 -6.33 -11.33
C LYS A 6 -23.81 -5.93 -9.86
N GLY A 7 -23.72 -6.92 -8.99
CA GLY A 7 -23.63 -6.67 -7.57
C GLY A 7 -22.28 -6.12 -7.13
N LYS A 8 -21.86 -5.01 -7.73
CA LYS A 8 -20.65 -4.31 -7.33
C LYS A 8 -21.03 -3.22 -6.32
N LEU A 9 -20.02 -2.50 -5.80
CA LEU A 9 -20.14 -1.85 -4.50
C LEU A 9 -20.41 -0.37 -4.58
N SER A 10 -21.48 0.06 -3.87
CA SER A 10 -21.86 1.46 -3.69
C SER A 10 -22.15 1.80 -2.23
N LEU A 11 -22.65 3.02 -1.98
CA LEU A 11 -22.92 3.46 -0.62
C LEU A 11 -24.00 2.64 0.07
N GLN A 12 -25.00 2.18 -0.67
CA GLN A 12 -26.01 1.36 -0.03
C GLN A 12 -25.41 0.05 0.47
N ASP A 13 -24.60 -0.60 -0.40
CA ASP A 13 -24.07 -1.92 -0.08
C ASP A 13 -23.19 -1.89 1.16
N VAL A 14 -22.42 -0.82 1.36
CA VAL A 14 -21.56 -0.75 2.54
C VAL A 14 -22.42 -0.59 3.78
N ALA A 15 -23.55 0.08 3.65
CA ALA A 15 -24.49 0.13 4.76
C ALA A 15 -25.15 -1.23 4.99
N GLU A 16 -25.54 -1.89 3.90
CA GLU A 16 -26.15 -3.21 4.02
C GLU A 16 -25.24 -4.18 4.76
N LEU A 17 -23.93 -4.14 4.45
CA LEU A 17 -23.01 -5.05 5.11
C LEU A 17 -22.91 -4.77 6.60
N ILE A 18 -22.82 -3.50 6.98
CA ILE A 18 -22.68 -3.17 8.40
C ILE A 18 -23.93 -3.56 9.18
N ARG A 19 -25.12 -3.20 8.68
CA ARG A 19 -26.35 -3.55 9.40
C ARG A 19 -26.47 -5.06 9.57
N ALA A 20 -26.11 -5.82 8.54
CA ALA A 20 -26.05 -7.27 8.57
C ALA A 20 -24.86 -7.83 9.35
N ARG A 21 -24.02 -6.98 9.95
CA ARG A 21 -22.86 -7.39 10.77
C ARG A 21 -21.91 -8.32 10.02
N ALA A 22 -21.95 -8.31 8.69
CA ALA A 22 -20.88 -8.91 7.91
C ALA A 22 -19.56 -8.15 8.11
N CYS A 23 -19.66 -6.83 8.36
CA CYS A 23 -18.55 -6.00 8.79
C CYS A 23 -18.74 -5.66 10.26
N GLN A 24 -17.78 -6.07 11.07
CA GLN A 24 -17.79 -5.85 12.50
C GLN A 24 -16.39 -5.54 13.01
N ARG A 25 -15.38 -5.55 12.13
CA ARG A 25 -14.02 -5.15 12.47
C ARG A 25 -13.64 -4.03 11.51
N VAL A 26 -14.08 -2.82 11.81
CA VAL A 26 -13.94 -1.68 10.90
C VAL A 26 -12.73 -0.87 11.33
N VAL A 27 -11.91 -0.47 10.35
CA VAL A 27 -10.72 0.33 10.55
C VAL A 27 -10.88 1.64 9.79
N VAL A 28 -10.57 2.75 10.48
CA VAL A 28 -10.88 4.05 9.92
C VAL A 28 -9.61 4.88 9.94
N MET A 29 -9.43 5.68 8.89
CA MET A 29 -8.36 6.65 8.78
C MET A 29 -9.02 8.01 8.62
N VAL A 30 -8.55 9.00 9.37
CA VAL A 30 -9.15 10.34 9.27
C VAL A 30 -8.06 11.39 9.21
N GLY A 31 -8.38 12.51 8.56
CA GLY A 31 -7.45 13.61 8.46
C GLY A 31 -8.14 14.93 8.78
N ALA A 32 -7.65 15.98 8.10
CA ALA A 32 -8.04 17.35 8.40
C ALA A 32 -9.51 17.63 8.05
N GLY A 33 -10.04 16.99 7.01
CA GLY A 33 -11.38 17.25 6.53
C GLY A 33 -12.50 16.88 7.50
N ILE A 34 -12.20 16.15 8.57
CA ILE A 34 -13.18 15.93 9.63
C ILE A 34 -12.96 16.88 10.80
N SER A 35 -11.90 17.70 10.76
CA SER A 35 -11.64 18.76 11.72
C SER A 35 -12.05 20.15 11.24
N THR A 36 -12.03 20.38 9.92
CA THR A 36 -12.50 21.64 9.36
C THR A 36 -13.96 21.93 9.72
N PRO A 37 -14.90 20.99 9.68
CA PRO A 37 -16.29 21.36 10.00
C PRO A 37 -16.52 21.75 11.46
N SER A 38 -15.59 21.50 12.37
CA SER A 38 -15.65 22.13 13.68
C SER A 38 -15.09 23.54 13.70
N GLY A 39 -14.75 24.14 12.56
CA GLY A 39 -14.14 25.46 12.59
C GLY A 39 -12.64 25.50 12.85
N ILE A 40 -11.94 24.38 12.77
CA ILE A 40 -10.48 24.37 12.95
C ILE A 40 -9.83 25.04 11.76
N PRO A 41 -8.80 25.88 11.97
CA PRO A 41 -8.29 26.70 10.86
C PRO A 41 -7.65 25.93 9.71
N ASP A 42 -6.79 24.93 9.97
CA ASP A 42 -5.90 24.34 8.96
C ASP A 42 -4.86 25.35 8.45
N PHE A 43 -3.63 25.16 8.89
CA PHE A 43 -2.57 26.15 8.68
C PHE A 43 -2.03 26.18 7.25
N ARG A 44 -2.38 25.21 6.39
CA ARG A 44 -1.71 25.11 5.10
C ARG A 44 -2.39 25.88 3.98
N SER A 45 -3.70 26.10 4.04
CA SER A 45 -4.37 26.82 2.95
C SER A 45 -4.48 28.32 3.29
N PRO A 46 -4.18 29.20 2.34
CA PRO A 46 -4.20 30.65 2.63
C PRO A 46 -5.60 31.18 2.88
N GLY A 47 -5.64 32.39 3.42
CA GLY A 47 -6.89 32.97 3.86
C GLY A 47 -7.34 32.55 5.25
N SER A 48 -6.71 31.53 5.83
CA SER A 48 -6.84 31.23 7.24
C SER A 48 -6.22 32.33 8.08
N GLY A 49 -6.91 32.74 9.14
CA GLY A 49 -6.29 33.66 10.08
C GLY A 49 -4.98 33.15 10.64
N LEU A 50 -4.81 31.82 10.69
CA LEU A 50 -3.57 31.24 11.16
C LEU A 50 -2.42 31.42 10.17
N TYR A 51 -2.73 31.62 8.88
CA TYR A 51 -1.78 32.17 7.91
C TYR A 51 -1.36 33.58 8.32
N SER A 52 -2.28 34.55 8.23
CA SER A 52 -1.98 35.93 8.58
C SER A 52 -1.33 36.04 9.96
N ASN A 53 -1.56 35.05 10.82
CA ASN A 53 -0.93 35.06 12.12
C ASN A 53 0.41 34.32 12.12
N LEU A 54 0.57 33.28 11.28
CA LEU A 54 1.90 32.72 11.07
C LEU A 54 2.64 33.46 9.99
N GLN A 55 2.22 34.69 9.70
CA GLN A 55 2.99 35.58 8.86
C GLN A 55 3.81 36.58 9.68
N GLN A 56 3.42 36.85 10.92
CA GLN A 56 4.28 37.57 11.84
C GLN A 56 5.65 36.90 12.00
N TYR A 57 5.82 35.70 11.45
CA TYR A 57 7.08 34.96 11.47
C TYR A 57 7.33 34.49 10.06
N ASP A 58 8.33 35.08 9.40
CA ASP A 58 8.69 34.67 8.05
C ASP A 58 9.48 33.37 8.14
N LEU A 59 9.11 32.39 7.29
CA LEU A 59 9.55 31.00 7.34
C LEU A 59 9.80 30.57 5.89
N PRO A 60 10.34 29.38 5.61
CA PRO A 60 10.50 28.98 4.20
C PRO A 60 9.37 28.09 3.71
N TYR A 61 9.07 27.03 4.47
CA TYR A 61 8.06 25.98 4.49
C TYR A 61 6.89 26.40 5.37
N PRO A 62 5.68 25.95 5.07
CA PRO A 62 4.70 25.82 6.15
C PRO A 62 5.13 24.73 7.11
N GLU A 63 5.71 23.64 6.59
CA GLU A 63 6.10 22.52 7.44
C GLU A 63 7.15 22.92 8.45
N ALA A 64 7.96 23.94 8.14
CA ALA A 64 9.07 24.31 9.02
C ALA A 64 8.65 24.44 10.49
N ILE A 65 7.34 24.61 10.75
CA ILE A 65 6.84 24.62 12.12
C ILE A 65 6.94 23.25 12.80
N PHE A 66 7.11 22.16 12.05
CA PHE A 66 7.35 20.87 12.67
C PHE A 66 8.80 20.44 12.56
N GLU A 67 9.72 21.39 12.51
CA GLU A 67 11.13 21.09 12.32
C GLU A 67 11.84 21.52 13.58
N LEU A 68 12.56 20.60 14.21
CA LEU A 68 13.22 20.93 15.46
C LEU A 68 14.16 22.13 15.33
N PRO A 69 15.02 22.24 14.31
CA PRO A 69 15.93 23.40 14.28
C PRO A 69 15.20 24.72 14.12
N PHE A 70 14.07 24.75 13.41
CA PHE A 70 13.31 26.00 13.41
C PHE A 70 12.68 26.28 14.78
N PHE A 71 12.37 25.23 15.51
CA PHE A 71 11.82 25.43 16.83
C PHE A 71 12.89 25.97 17.77
N PHE A 72 14.16 25.71 17.49
CA PHE A 72 15.24 25.91 18.45
C PHE A 72 15.80 27.33 18.48
N HIS A 73 15.49 28.16 17.52
CA HIS A 73 15.34 29.59 17.83
C HIS A 73 13.92 29.86 18.25
N ASN A 74 13.02 29.84 17.27
CA ASN A 74 11.75 30.52 17.33
C ASN A 74 10.67 29.49 17.58
N PRO A 75 10.35 29.18 18.84
CA PRO A 75 9.17 28.34 19.11
C PRO A 75 7.87 29.06 18.83
N LYS A 76 7.92 30.37 18.62
CA LYS A 76 6.70 31.16 18.49
C LYS A 76 5.83 30.75 17.30
N PRO A 77 6.34 30.47 16.10
CA PRO A 77 5.43 29.95 15.05
C PRO A 77 4.75 28.64 15.43
N PHE A 78 5.49 27.68 15.98
CA PHE A 78 4.86 26.47 16.44
C PHE A 78 3.81 26.78 17.50
N PHE A 79 4.17 27.61 18.48
CA PHE A 79 3.28 27.82 19.61
C PHE A 79 2.07 28.68 19.27
N THR A 80 2.06 29.38 18.13
CA THR A 80 0.79 29.98 17.71
C THR A 80 -0.08 28.99 16.96
N LEU A 81 0.50 27.98 16.30
CA LEU A 81 -0.31 26.83 15.90
C LEU A 81 -0.85 26.09 17.12
N ALA A 82 -0.02 25.93 18.16
CA ALA A 82 -0.43 25.21 19.35
C ALA A 82 -1.47 25.98 20.16
N LYS A 83 -1.38 27.32 20.24
CA LYS A 83 -2.43 28.09 20.93
C LYS A 83 -3.76 27.97 20.19
N GLU A 84 -3.73 27.91 18.85
CA GLU A 84 -4.98 27.82 18.12
C GLU A 84 -5.62 26.45 18.20
N LEU A 85 -4.85 25.42 18.52
CA LEU A 85 -5.33 24.05 18.46
C LEU A 85 -5.49 23.36 19.81
N TYR A 86 -5.00 23.95 20.91
CA TYR A 86 -5.04 23.26 22.20
C TYR A 86 -6.45 22.81 22.57
N PRO A 87 -6.59 21.70 23.29
CA PRO A 87 -7.91 21.28 23.77
C PRO A 87 -8.59 22.39 24.55
N GLY A 88 -9.79 22.74 24.09
CA GLY A 88 -10.60 23.78 24.72
C GLY A 88 -11.55 24.41 23.72
N ASN A 89 -11.02 25.35 22.93
CA ASN A 89 -11.74 26.04 21.86
C ASN A 89 -12.79 25.15 21.20
N TYR A 90 -12.37 24.04 20.59
CA TYR A 90 -13.21 23.43 19.57
C TYR A 90 -13.94 22.18 20.07
N LYS A 91 -14.94 21.77 19.30
CA LYS A 91 -15.88 20.75 19.69
C LYS A 91 -16.04 19.70 18.60
N PRO A 92 -16.09 18.41 18.97
CA PRO A 92 -16.25 17.35 17.96
C PRO A 92 -17.53 17.53 17.18
N ASN A 93 -17.47 17.16 15.88
CA ASN A 93 -18.63 17.33 15.02
C ASN A 93 -19.22 15.95 14.70
N VAL A 94 -20.25 15.94 13.86
CA VAL A 94 -21.00 14.71 13.59
C VAL A 94 -20.07 13.55 13.21
N THR A 95 -19.13 13.79 12.28
CA THR A 95 -18.20 12.73 11.84
C THR A 95 -17.48 12.10 13.02
N HIS A 96 -17.00 12.92 13.95
CA HIS A 96 -16.46 12.37 15.19
C HIS A 96 -17.48 11.47 15.85
N TYR A 97 -18.67 12.01 16.13
CA TYR A 97 -19.67 11.23 16.88
C TYR A 97 -20.11 9.99 16.10
N PHE A 98 -20.18 10.08 14.77
CA PHE A 98 -20.39 8.87 13.99
C PHE A 98 -19.36 7.79 14.32
N LEU A 99 -18.08 8.16 14.34
CA LEU A 99 -17.04 7.21 14.72
C LEU A 99 -17.28 6.68 16.14
N ARG A 100 -17.67 7.57 17.07
CA ARG A 100 -17.95 7.15 18.44
C ARG A 100 -19.07 6.11 18.50
N LEU A 101 -20.06 6.22 17.59
CA LEU A 101 -21.15 5.25 17.48
C LEU A 101 -20.70 3.92 16.91
N LEU A 102 -19.76 3.91 15.95
CA LEU A 102 -19.16 2.66 15.53
C LEU A 102 -18.58 1.90 16.73
N HIS A 103 -17.90 2.64 17.63
CA HIS A 103 -17.30 2.02 18.81
C HIS A 103 -18.37 1.63 19.83
N ASP A 104 -19.40 2.46 19.98
CA ASP A 104 -20.52 2.11 20.85
C ASP A 104 -21.15 0.79 20.41
N LYS A 105 -21.46 0.65 19.12
CA LYS A 105 -22.05 -0.55 18.54
C LYS A 105 -21.03 -1.67 18.35
N GLY A 106 -19.83 -1.53 18.89
CA GLY A 106 -18.81 -2.57 18.76
C GLY A 106 -18.33 -2.89 17.36
N LEU A 107 -18.03 -1.87 16.54
CA LEU A 107 -17.57 -2.04 15.15
C LEU A 107 -16.18 -1.45 14.88
N LEU A 108 -15.58 -0.77 15.83
CA LEU A 108 -14.32 -0.08 15.60
C LEU A 108 -13.19 -0.97 16.07
N LEU A 109 -12.40 -1.49 15.13
CA LEU A 109 -11.13 -2.08 15.48
C LEU A 109 -10.15 -1.03 15.99
N ARG A 110 -9.98 0.05 15.24
CA ARG A 110 -9.01 1.09 15.57
C ARG A 110 -9.28 2.33 14.72
N LEU A 111 -9.02 3.50 15.30
CA LEU A 111 -9.13 4.76 14.57
C LEU A 111 -7.73 5.36 14.41
N TYR A 112 -7.30 5.46 13.15
CA TYR A 112 -6.06 6.11 12.77
C TYR A 112 -6.32 7.55 12.35
N THR A 113 -5.62 8.50 12.98
CA THR A 113 -5.87 9.92 12.74
C THR A 113 -4.57 10.68 12.50
N GLN A 114 -4.62 11.64 11.57
CA GLN A 114 -3.55 12.62 11.36
C GLN A 114 -3.79 13.90 12.14
N ASN A 115 -4.96 14.05 12.74
CA ASN A 115 -5.28 15.25 13.46
C ASN A 115 -4.56 15.26 14.79
N ILE A 116 -4.49 16.43 15.39
CA ILE A 116 -3.72 16.67 16.61
C ILE A 116 -4.58 17.53 17.51
N ASP A 117 -5.85 17.69 17.14
CA ASP A 117 -6.79 18.46 17.94
C ASP A 117 -7.32 17.67 19.15
N GLY A 118 -7.31 16.34 19.08
CA GLY A 118 -7.75 15.56 20.22
C GLY A 118 -9.24 15.42 20.33
N LEU A 119 -9.98 15.77 19.26
CA LEU A 119 -11.43 15.68 19.22
C LEU A 119 -11.92 14.25 19.05
N GLU A 120 -11.04 13.30 18.70
CA GLU A 120 -11.41 11.88 18.80
C GLU A 120 -11.53 11.46 20.25
N ARG A 121 -10.63 11.98 21.10
CA ARG A 121 -10.69 11.64 22.51
C ARG A 121 -11.86 12.34 23.20
N VAL A 122 -12.08 13.62 22.87
CA VAL A 122 -13.21 14.34 23.42
C VAL A 122 -14.53 13.68 22.99
N SER A 123 -14.63 13.23 21.73
CA SER A 123 -15.89 12.61 21.30
C SER A 123 -16.20 11.34 22.07
N GLY A 124 -15.28 10.86 22.91
CA GLY A 124 -15.53 9.70 23.74
C GLY A 124 -14.92 8.41 23.24
N ILE A 125 -14.32 8.41 22.04
CA ILE A 125 -13.56 7.24 21.65
C ILE A 125 -12.40 7.11 22.63
N PRO A 126 -12.18 5.93 23.20
CA PRO A 126 -11.07 5.75 24.15
C PRO A 126 -9.74 5.67 23.44
N ALA A 127 -8.69 6.01 24.22
CA ALA A 127 -7.30 6.06 23.73
C ALA A 127 -6.84 4.74 23.14
N SER A 128 -7.25 3.60 23.72
CA SER A 128 -6.81 2.31 23.20
C SER A 128 -7.31 2.08 21.78
N LYS A 129 -8.43 2.73 21.41
CA LYS A 129 -8.97 2.60 20.08
C LYS A 129 -8.24 3.44 19.05
N LEU A 130 -7.27 4.27 19.49
CA LEU A 130 -6.74 5.36 18.71
C LEU A 130 -5.27 5.15 18.41
N VAL A 131 -4.87 5.52 17.20
CA VAL A 131 -3.47 5.75 16.87
C VAL A 131 -3.34 7.20 16.42
N GLU A 132 -2.61 8.00 17.18
CA GLU A 132 -2.44 9.42 16.83
C GLU A 132 -1.16 9.56 16.04
N ALA A 133 -1.31 9.55 14.71
CA ALA A 133 -0.18 9.45 13.79
C ALA A 133 0.75 10.64 13.93
N HIS A 134 0.18 11.84 14.15
CA HIS A 134 0.97 13.04 14.26
C HIS A 134 1.15 13.47 15.71
N GLY A 135 1.01 12.54 16.65
CA GLY A 135 1.20 12.89 18.05
C GLY A 135 -0.05 13.45 18.68
N THR A 136 0.13 14.09 19.84
CA THR A 136 -0.97 14.61 20.63
C THR A 136 -0.52 15.81 21.44
N PHE A 137 -1.46 16.68 21.77
CA PHE A 137 -1.22 17.69 22.81
C PHE A 137 -1.44 17.13 24.22
N ALA A 138 -1.88 15.87 24.37
CA ALA A 138 -2.10 15.37 25.73
C ALA A 138 -0.83 15.30 26.57
N SER A 139 0.35 15.46 25.99
CA SER A 139 1.56 15.24 26.77
C SER A 139 2.71 16.05 26.20
N ALA A 140 3.73 16.26 27.02
CA ALA A 140 4.81 17.16 26.65
C ALA A 140 6.15 16.61 27.14
N THR A 141 7.21 16.89 26.41
CA THR A 141 8.52 16.51 26.92
C THR A 141 9.48 17.67 26.72
N CYS A 142 10.39 17.81 27.67
CA CYS A 142 11.39 18.86 27.59
C CYS A 142 12.39 18.55 26.47
N THR A 143 12.74 19.58 25.68
CA THR A 143 13.64 19.35 24.55
C THR A 143 15.08 19.14 24.98
N VAL A 144 15.43 19.57 26.19
CA VAL A 144 16.76 19.35 26.75
C VAL A 144 16.77 18.17 27.72
N CYS A 145 15.95 18.26 28.80
CA CYS A 145 15.85 17.19 29.80
C CYS A 145 15.38 15.87 29.17
N GLN A 146 14.41 15.93 28.26
CA GLN A 146 13.57 14.80 27.83
C GLN A 146 12.66 14.31 28.97
N ARG A 147 12.45 15.11 29.98
CA ARG A 147 11.51 14.78 31.04
C ARG A 147 10.09 14.91 30.52
N PRO A 148 9.23 13.93 30.74
CA PRO A 148 7.83 14.04 30.30
C PRO A 148 7.03 14.97 31.20
N PHE A 149 5.91 15.47 30.65
CA PHE A 149 5.00 16.42 31.34
C PHE A 149 3.58 16.22 30.83
N PRO A 150 2.59 16.13 31.74
CA PRO A 150 1.19 16.26 31.30
C PRO A 150 1.01 17.60 30.60
N GLY A 151 0.09 17.64 29.64
CA GLY A 151 -0.06 18.77 28.75
C GLY A 151 -0.67 20.00 29.36
N GLU A 152 -1.24 19.88 30.56
CA GLU A 152 -1.91 21.01 31.18
C GLU A 152 -0.96 21.82 32.05
N ASP A 153 0.12 21.19 32.50
CA ASP A 153 1.27 21.94 33.00
C ASP A 153 1.68 23.02 32.00
N ILE A 154 1.46 22.77 30.71
CA ILE A 154 1.98 23.64 29.67
C ILE A 154 0.89 24.60 29.17
N ARG A 155 -0.39 24.27 29.35
CA ARG A 155 -1.49 25.06 28.79
C ARG A 155 -1.57 26.45 29.44
N ALA A 156 -1.13 26.57 30.69
CA ALA A 156 -1.03 27.91 31.26
C ALA A 156 -0.10 28.77 30.41
N ASP A 157 1.12 28.29 30.19
CA ASP A 157 2.07 29.07 29.43
C ASP A 157 1.63 29.22 27.97
N VAL A 158 1.16 28.13 27.35
CA VAL A 158 0.80 28.22 25.94
C VAL A 158 -0.40 29.12 25.77
N MET A 159 -1.29 29.13 26.76
CA MET A 159 -2.41 30.06 26.75
C MET A 159 -2.01 31.37 27.42
N ALA A 160 -0.85 31.89 27.00
CA ALA A 160 -0.40 33.18 27.49
C ALA A 160 0.65 33.81 26.58
N ASP A 161 0.87 33.32 25.37
CA ASP A 161 1.87 33.89 24.47
C ASP A 161 3.24 33.87 25.15
N ARG A 162 3.46 32.83 25.97
CA ARG A 162 4.70 32.56 26.69
C ARG A 162 5.25 31.20 26.31
N VAL A 163 6.58 31.05 26.23
CA VAL A 163 7.24 29.85 25.87
C VAL A 163 7.42 28.98 27.11
N PRO A 164 6.91 27.76 27.16
CA PRO A 164 7.00 26.96 28.40
C PRO A 164 8.41 26.41 28.56
N ARG A 165 8.98 26.60 29.75
CA ARG A 165 10.29 26.07 30.05
C ARG A 165 10.16 24.96 31.08
N CYS A 166 10.99 23.92 30.91
CA CYS A 166 11.25 22.89 31.90
C CYS A 166 11.59 23.46 33.28
N PRO A 167 10.89 23.06 34.35
CA PRO A 167 11.32 23.49 35.70
C PRO A 167 12.57 22.79 36.26
N VAL A 168 13.01 21.67 35.69
CA VAL A 168 14.20 20.96 36.17
C VAL A 168 15.48 21.42 35.48
N CYS A 169 15.40 21.89 34.22
CA CYS A 169 16.61 22.27 33.49
C CYS A 169 16.42 23.51 32.62
N THR A 170 15.28 24.18 32.68
CA THR A 170 14.98 25.38 31.89
C THR A 170 14.86 25.15 30.39
N GLY A 171 15.14 23.93 29.90
CA GLY A 171 14.98 23.68 28.47
C GLY A 171 13.57 24.02 28.01
N VAL A 172 13.40 24.34 26.73
CA VAL A 172 12.07 24.60 26.22
C VAL A 172 11.30 23.28 26.09
N VAL A 173 10.04 23.25 26.61
CA VAL A 173 9.15 22.08 26.52
C VAL A 173 8.36 22.18 25.23
N LYS A 174 8.21 21.05 24.54
CA LYS A 174 7.28 21.08 23.40
C LYS A 174 6.19 20.02 23.57
N PRO A 175 4.98 20.32 23.10
CA PRO A 175 3.95 19.29 22.98
C PRO A 175 4.43 18.05 22.26
N ASP A 176 3.74 16.94 22.46
CA ASP A 176 4.16 15.71 21.80
C ASP A 176 3.51 15.59 20.44
N ILE A 177 3.63 16.68 19.70
CA ILE A 177 3.30 16.70 18.28
C ILE A 177 4.53 16.23 17.51
N VAL A 178 4.34 15.25 16.63
CA VAL A 178 5.49 14.65 15.94
C VAL A 178 6.19 15.70 15.09
N PHE A 179 7.52 15.71 15.14
CA PHE A 179 8.40 16.63 14.45
C PHE A 179 9.33 15.86 13.52
N PHE A 180 9.76 16.50 12.43
CA PHE A 180 10.73 15.87 11.55
C PHE A 180 11.98 15.48 12.33
N GLY A 181 12.39 14.23 12.18
CA GLY A 181 13.53 13.70 12.88
C GLY A 181 13.16 12.85 14.07
N GLU A 182 11.94 12.97 14.56
CA GLU A 182 11.51 12.16 15.69
C GLU A 182 11.05 10.79 15.20
N PRO A 183 11.22 9.77 16.01
CA PRO A 183 10.75 8.44 15.62
C PRO A 183 9.24 8.46 15.54
N LEU A 184 8.68 7.70 14.61
CA LEU A 184 7.24 7.75 14.44
C LEU A 184 6.55 7.20 15.68
N PRO A 185 5.31 7.63 15.94
CA PRO A 185 4.59 7.12 17.13
C PRO A 185 4.70 5.62 17.29
N GLN A 186 4.95 5.20 18.54
CA GLN A 186 5.02 3.79 18.90
C GLN A 186 3.79 3.00 18.46
N ARG A 187 2.63 3.64 18.37
CA ARG A 187 1.39 2.94 18.08
C ARG A 187 1.09 2.84 16.59
N PHE A 188 1.84 3.54 15.74
CA PHE A 188 1.64 3.41 14.30
C PHE A 188 1.79 1.96 13.83
N LEU A 189 2.60 1.14 14.52
CA LEU A 189 2.82 -0.23 14.06
C LEU A 189 1.69 -1.18 14.47
N LEU A 190 0.72 -0.73 15.26
CA LEU A 190 -0.43 -1.59 15.52
C LEU A 190 -1.16 -1.92 14.21
N HIS A 191 -0.89 -1.17 13.13
CA HIS A 191 -1.54 -1.48 11.87
C HIS A 191 -1.10 -2.82 11.31
N VAL A 192 0.05 -3.33 11.74
CA VAL A 192 0.50 -4.64 11.24
C VAL A 192 -0.54 -5.70 11.57
N VAL A 193 -1.15 -5.56 12.74
CA VAL A 193 -2.15 -6.48 13.27
C VAL A 193 -3.55 -6.02 12.91
N ASP A 194 -3.81 -4.70 12.99
CA ASP A 194 -5.15 -4.14 12.82
C ASP A 194 -5.67 -4.30 11.39
N PHE A 195 -4.89 -3.88 10.39
CA PHE A 195 -5.41 -3.73 9.03
C PHE A 195 -5.70 -5.05 8.32
N PRO A 196 -4.85 -6.09 8.45
CA PRO A 196 -5.22 -7.42 7.91
C PRO A 196 -6.34 -8.04 8.68
N MET A 197 -6.63 -7.52 9.87
CA MET A 197 -7.79 -8.01 10.58
C MET A 197 -9.07 -7.27 10.22
N ALA A 198 -8.97 -6.20 9.45
CA ALA A 198 -10.13 -5.38 9.13
C ALA A 198 -11.03 -6.04 8.08
N ASP A 199 -12.34 -5.93 8.26
CA ASP A 199 -13.22 -6.34 7.17
C ASP A 199 -13.85 -5.15 6.49
N LEU A 200 -13.54 -3.94 6.95
CA LEU A 200 -13.90 -2.70 6.26
C LEU A 200 -12.89 -1.62 6.57
N LEU A 201 -12.49 -0.85 5.56
CA LEU A 201 -11.64 0.31 5.76
C LEU A 201 -12.41 1.56 5.35
N LEU A 202 -12.54 2.49 6.29
CA LEU A 202 -13.19 3.77 6.04
C LEU A 202 -12.17 4.88 6.05
N ILE A 203 -12.22 5.76 5.03
CA ILE A 203 -11.30 6.88 4.92
C ILE A 203 -12.09 8.18 4.81
N LEU A 204 -11.85 9.09 5.76
CA LEU A 204 -12.65 10.31 5.96
C LEU A 204 -11.72 11.52 6.08
N GLY A 205 -11.86 12.47 5.15
CA GLY A 205 -11.21 13.77 5.31
C GLY A 205 -9.69 13.79 5.32
N THR A 206 -9.04 13.10 4.38
CA THR A 206 -7.59 13.23 4.29
C THR A 206 -7.17 13.20 2.82
N SER A 207 -6.11 13.95 2.52
CA SER A 207 -5.55 14.02 1.17
C SER A 207 -4.72 12.80 0.81
N LEU A 208 -4.33 11.98 1.79
CA LEU A 208 -3.50 10.79 1.59
C LEU A 208 -2.18 11.19 0.92
N GLU A 209 -1.56 12.22 1.46
CA GLU A 209 -0.31 12.76 0.95
C GLU A 209 0.84 12.71 1.96
N VAL A 210 0.55 12.75 3.26
CA VAL A 210 1.57 12.58 4.30
C VAL A 210 1.74 11.07 4.58
N GLU A 211 2.84 10.49 4.08
CA GLU A 211 3.18 9.12 4.41
C GLU A 211 4.00 9.10 5.70
N PRO A 212 4.12 7.95 6.40
CA PRO A 212 3.64 6.60 6.07
C PRO A 212 2.13 6.41 6.22
N PHE A 213 1.43 7.44 6.70
CA PHE A 213 -0.02 7.37 6.89
C PHE A 213 -0.76 6.94 5.63
N ALA A 214 -0.47 7.59 4.50
CA ALA A 214 -1.20 7.38 3.27
C ALA A 214 -1.04 5.98 2.71
N SER A 215 0.09 5.31 2.99
CA SER A 215 0.32 3.96 2.50
C SER A 215 -0.51 2.91 3.23
N LEU A 216 -1.01 3.23 4.43
CA LEU A 216 -1.90 2.34 5.18
C LEU A 216 -3.15 1.92 4.41
N THR A 217 -3.54 2.66 3.35
CA THR A 217 -4.70 2.27 2.55
C THR A 217 -4.48 0.92 1.88
N GLU A 218 -3.23 0.56 1.60
CA GLU A 218 -2.95 -0.64 0.82
C GLU A 218 -2.62 -1.84 1.71
N ALA A 219 -3.03 -1.80 2.98
CA ALA A 219 -2.71 -2.87 3.93
C ALA A 219 -3.93 -3.64 4.45
N VAL A 220 -5.16 -3.31 4.00
CA VAL A 220 -6.28 -4.24 4.17
C VAL A 220 -6.19 -5.29 3.04
N ARG A 221 -6.57 -6.53 3.33
CA ARG A 221 -6.57 -7.59 2.32
C ARG A 221 -7.36 -7.17 1.08
N SER A 222 -7.10 -7.82 -0.07
CA SER A 222 -7.58 -7.29 -1.35
C SER A 222 -9.09 -7.38 -1.51
N SER A 223 -9.75 -8.31 -0.84
CA SER A 223 -11.21 -8.34 -0.93
C SER A 223 -11.89 -7.29 -0.05
N VAL A 224 -11.18 -6.69 0.91
CA VAL A 224 -11.83 -5.83 1.91
C VAL A 224 -12.21 -4.49 1.26
N PRO A 225 -13.45 -4.03 1.43
CA PRO A 225 -13.85 -2.78 0.79
C PRO A 225 -13.25 -1.56 1.47
N ARG A 226 -13.07 -0.51 0.67
CA ARG A 226 -12.46 0.73 1.12
C ARG A 226 -13.38 1.86 0.71
N LEU A 227 -14.02 2.49 1.69
CA LEU A 227 -14.98 3.56 1.45
C LEU A 227 -14.27 4.90 1.67
N LEU A 228 -14.27 5.74 0.65
CA LEU A 228 -13.67 7.07 0.74
C LEU A 228 -14.76 8.11 0.82
N ILE A 229 -14.68 8.96 1.86
CA ILE A 229 -15.59 10.09 2.05
C ILE A 229 -14.71 11.32 2.11
N ASN A 230 -14.73 12.11 1.04
CA ASN A 230 -13.74 13.16 0.78
C ASN A 230 -14.17 13.86 -0.53
N ARG A 231 -13.64 15.07 -0.75
CA ARG A 231 -14.08 15.82 -1.94
C ARG A 231 -13.73 15.08 -3.23
N ASP A 232 -12.49 14.61 -3.35
CA ASP A 232 -11.94 14.08 -4.59
C ASP A 232 -11.26 12.74 -4.32
N LEU A 233 -11.05 11.99 -5.40
CA LEU A 233 -10.21 10.81 -5.37
C LEU A 233 -8.75 11.20 -5.09
N VAL A 234 -8.11 10.52 -4.13
CA VAL A 234 -6.78 10.90 -3.65
C VAL A 234 -5.95 9.66 -3.34
N GLY A 235 -4.63 9.78 -3.57
CA GLY A 235 -3.66 8.81 -3.09
C GLY A 235 -3.75 7.46 -3.76
N PRO A 236 -3.47 6.41 -2.99
CA PRO A 236 -3.55 5.05 -3.56
C PRO A 236 -4.92 4.72 -4.12
N LEU A 237 -5.98 5.33 -3.61
CA LEU A 237 -7.30 5.08 -4.18
C LEU A 237 -7.45 5.65 -5.58
N ALA A 238 -6.55 6.54 -6.02
CA ALA A 238 -6.67 7.14 -7.33
C ALA A 238 -5.69 6.58 -8.35
N TRP A 239 -4.79 5.69 -7.95
CA TRP A 239 -3.82 5.13 -8.89
C TRP A 239 -3.87 3.61 -8.91
N HIS A 240 -4.16 3.03 -7.76
CA HIS A 240 -4.37 1.59 -7.60
C HIS A 240 -5.79 1.34 -7.10
N PRO A 241 -6.83 1.78 -7.83
CA PRO A 241 -8.20 1.48 -7.37
C PRO A 241 -8.44 -0.01 -7.38
N ARG A 242 -9.15 -0.50 -6.38
CA ARG A 242 -9.51 -1.90 -6.25
C ARG A 242 -10.99 -2.10 -6.58
N SER A 243 -11.39 -3.37 -6.71
CA SER A 243 -12.74 -3.65 -7.19
C SER A 243 -13.80 -3.14 -6.22
N ARG A 244 -13.60 -3.37 -4.93
CA ARG A 244 -14.63 -3.11 -3.92
C ARG A 244 -14.48 -1.75 -3.23
N ASP A 245 -13.79 -0.80 -3.85
CA ASP A 245 -13.65 0.57 -3.37
C ASP A 245 -14.87 1.41 -3.74
N VAL A 246 -15.25 2.31 -2.84
CA VAL A 246 -16.40 3.20 -3.04
C VAL A 246 -15.94 4.60 -2.70
N ALA A 247 -16.25 5.56 -3.57
CA ALA A 247 -15.80 6.94 -3.41
C ALA A 247 -17.01 7.88 -3.32
N GLN A 248 -17.51 8.13 -2.12
CA GLN A 248 -18.60 9.09 -1.91
C GLN A 248 -17.97 10.48 -1.90
N LEU A 249 -18.00 11.16 -3.05
CA LEU A 249 -17.24 12.39 -3.27
C LEU A 249 -18.11 13.60 -3.01
N GLY A 250 -17.64 14.49 -2.14
CA GLY A 250 -18.36 15.71 -1.82
C GLY A 250 -17.90 16.24 -0.46
N ASP A 251 -18.73 17.11 0.12
CA ASP A 251 -18.42 17.61 1.46
C ASP A 251 -18.39 16.47 2.48
N VAL A 252 -17.39 16.51 3.35
CA VAL A 252 -17.11 15.37 4.22
C VAL A 252 -18.29 15.09 5.15
N VAL A 253 -18.88 16.14 5.73
CA VAL A 253 -20.02 15.92 6.62
C VAL A 253 -21.20 15.35 5.85
N HIS A 254 -21.47 15.87 4.65
CA HIS A 254 -22.60 15.37 3.86
C HIS A 254 -22.46 13.88 3.55
N GLY A 255 -21.24 13.43 3.21
CA GLY A 255 -21.05 12.02 2.93
C GLY A 255 -21.43 11.13 4.10
N VAL A 256 -21.02 11.50 5.31
CA VAL A 256 -21.32 10.66 6.47
C VAL A 256 -22.81 10.67 6.79
N GLU A 257 -23.47 11.81 6.58
CA GLU A 257 -24.91 11.88 6.85
C GLU A 257 -25.68 10.91 5.97
N SER A 258 -25.31 10.80 4.70
CA SER A 258 -25.98 9.85 3.81
C SER A 258 -25.67 8.42 4.22
N LEU A 259 -24.47 8.18 4.78
CA LEU A 259 -24.15 6.83 5.24
C LEU A 259 -24.93 6.49 6.50
N VAL A 260 -25.07 7.46 7.41
CA VAL A 260 -25.84 7.23 8.63
C VAL A 260 -27.30 6.96 8.30
N GLU A 261 -27.85 7.68 7.32
CA GLU A 261 -29.25 7.50 6.92
C GLU A 261 -29.49 6.11 6.34
N LEU A 262 -28.66 5.71 5.38
CA LEU A 262 -28.71 4.33 4.89
C LEU A 262 -28.44 3.34 6.01
N LEU A 263 -27.54 3.68 6.95
CA LEU A 263 -27.38 2.81 8.11
C LEU A 263 -28.64 2.79 8.95
N GLY A 264 -29.39 3.91 8.97
CA GLY A 264 -30.58 4.04 9.78
C GLY A 264 -30.26 4.42 11.20
N TRP A 265 -29.38 5.42 11.36
CA TRP A 265 -28.88 5.85 12.66
C TRP A 265 -29.17 7.32 12.92
N THR A 266 -29.94 7.95 12.03
CA THR A 266 -30.15 9.40 12.05
C THR A 266 -30.65 9.91 13.39
N GLU A 267 -31.55 9.16 14.05
CA GLU A 267 -32.02 9.63 15.36
C GLU A 267 -31.00 9.32 16.47
N GLU A 268 -30.44 8.10 16.47
CA GLU A 268 -29.42 7.74 17.46
C GLU A 268 -28.25 8.72 17.43
N MET A 269 -27.94 9.25 16.25
CA MET A 269 -26.86 10.21 16.09
C MET A 269 -27.26 11.58 16.63
N ARG A 270 -28.40 12.11 16.14
CA ARG A 270 -28.99 13.33 16.68
C ARG A 270 -28.96 13.34 18.20
N ASP A 271 -29.55 12.29 18.81
CA ASP A 271 -29.59 12.18 20.26
C ASP A 271 -28.19 12.27 20.84
N LEU A 272 -27.33 11.31 20.49
CA LEU A 272 -25.98 11.26 21.04
C LEU A 272 -25.27 12.60 20.88
N VAL A 273 -25.37 13.20 19.69
CA VAL A 273 -24.73 14.48 19.40
C VAL A 273 -25.29 15.56 20.32
N GLN A 274 -26.61 15.57 20.53
CA GLN A 274 -27.21 16.55 21.44
C GLN A 274 -26.74 16.34 22.88
N ARG A 275 -26.87 15.12 23.40
CA ARG A 275 -26.41 14.85 24.76
C ARG A 275 -24.93 15.16 24.95
N GLU A 276 -24.10 15.02 23.89
CA GLU A 276 -22.65 15.18 24.06
C GLU A 276 -22.19 16.63 24.01
N THR A 277 -22.92 17.49 23.30
CA THR A 277 -22.64 18.92 23.24
C THR A 277 -23.31 19.63 24.41
N GLY B 7 -22.01 -33.48 23.84
CA GLY B 7 -21.81 -32.39 22.91
C GLY B 7 -20.90 -32.75 21.74
N LYS B 8 -21.39 -33.63 20.85
CA LYS B 8 -20.66 -34.11 19.68
C LYS B 8 -21.38 -33.79 18.39
N LEU B 9 -20.59 -33.32 17.42
CA LEU B 9 -21.07 -32.39 16.42
C LEU B 9 -21.96 -33.06 15.39
N SER B 10 -22.99 -32.34 14.98
CA SER B 10 -23.88 -32.66 13.86
C SER B 10 -24.00 -31.42 12.97
N LEU B 11 -24.82 -31.53 11.93
CA LEU B 11 -24.98 -30.40 11.00
C LEU B 11 -25.67 -29.17 11.64
N GLN B 12 -26.67 -29.38 12.50
CA GLN B 12 -27.31 -28.26 13.18
C GLN B 12 -26.27 -27.49 14.01
N ASP B 13 -25.33 -28.19 14.64
CA ASP B 13 -24.37 -27.50 15.49
C ASP B 13 -23.37 -26.69 14.65
N VAL B 14 -22.93 -27.26 13.52
CA VAL B 14 -22.05 -26.50 12.62
C VAL B 14 -22.77 -25.25 12.14
N ALA B 15 -24.00 -25.43 11.65
CA ALA B 15 -24.83 -24.30 11.27
C ALA B 15 -24.93 -23.30 12.41
N GLU B 16 -24.99 -23.81 13.64
CA GLU B 16 -25.06 -22.92 14.78
C GLU B 16 -23.73 -22.21 15.01
N LEU B 17 -22.60 -22.92 14.85
CA LEU B 17 -21.30 -22.25 15.02
C LEU B 17 -21.13 -21.12 14.01
N ILE B 18 -21.62 -21.29 12.79
CA ILE B 18 -21.57 -20.21 11.80
C ILE B 18 -22.51 -19.06 12.21
N ARG B 19 -23.75 -19.38 12.60
CA ARG B 19 -24.74 -18.35 12.94
C ARG B 19 -24.22 -17.40 14.02
N ALA B 20 -23.58 -17.95 15.07
CA ALA B 20 -22.93 -17.18 16.13
C ALA B 20 -21.61 -16.52 15.70
N ARG B 21 -21.20 -16.70 14.45
CA ARG B 21 -19.84 -16.39 13.98
C ARG B 21 -18.76 -17.01 14.88
N ALA B 22 -19.07 -18.07 15.62
CA ALA B 22 -18.04 -18.80 16.33
C ALA B 22 -17.05 -19.43 15.36
N CYS B 23 -17.49 -19.64 14.11
CA CYS B 23 -16.63 -19.93 12.96
C CYS B 23 -16.76 -18.75 11.97
N GLN B 24 -15.66 -18.00 11.81
CA GLN B 24 -15.57 -16.88 10.87
C GLN B 24 -14.42 -17.04 9.89
N ARG B 25 -13.64 -18.11 9.98
CA ARG B 25 -12.48 -18.26 9.11
C ARG B 25 -12.59 -19.63 8.46
N VAL B 26 -13.53 -19.74 7.51
CA VAL B 26 -13.87 -21.01 6.91
C VAL B 26 -12.93 -21.25 5.74
N VAL B 27 -12.22 -22.35 5.76
CA VAL B 27 -11.50 -22.86 4.60
C VAL B 27 -12.35 -23.94 3.94
N VAL B 28 -12.52 -23.82 2.62
CA VAL B 28 -13.36 -24.73 1.84
C VAL B 28 -12.50 -25.43 0.80
N MET B 29 -12.73 -26.73 0.63
CA MET B 29 -12.10 -27.56 -0.39
C MET B 29 -13.20 -28.21 -1.20
N VAL B 30 -13.18 -28.04 -2.52
CA VAL B 30 -14.27 -28.50 -3.38
C VAL B 30 -13.70 -29.32 -4.52
N GLY B 31 -14.56 -30.21 -5.05
CA GLY B 31 -14.15 -31.12 -6.12
C GLY B 31 -15.16 -31.27 -7.23
N ALA B 32 -15.05 -32.35 -8.00
CA ALA B 32 -15.92 -32.49 -9.17
C ALA B 32 -17.39 -32.74 -8.79
N GLY B 33 -17.68 -33.07 -7.54
CA GLY B 33 -19.06 -33.23 -7.08
C GLY B 33 -19.85 -31.95 -6.98
N ILE B 34 -19.17 -30.79 -6.88
CA ILE B 34 -19.93 -29.54 -6.97
C ILE B 34 -20.06 -29.04 -8.40
N SER B 35 -19.46 -29.71 -9.39
CA SER B 35 -19.65 -29.27 -10.76
C SER B 35 -20.55 -30.18 -11.57
N THR B 36 -20.70 -31.42 -11.11
CA THR B 36 -21.55 -32.37 -11.80
C THR B 36 -23.04 -32.00 -11.79
N PRO B 37 -23.60 -31.40 -10.72
CA PRO B 37 -24.97 -30.85 -10.83
C PRO B 37 -25.12 -29.73 -11.85
N SER B 38 -24.04 -29.14 -12.36
CA SER B 38 -24.14 -28.15 -13.42
C SER B 38 -24.14 -28.77 -14.82
N GLY B 39 -23.87 -30.07 -14.96
CA GLY B 39 -23.72 -30.64 -16.26
C GLY B 39 -22.29 -30.91 -16.71
N ILE B 40 -21.29 -30.58 -15.89
CA ILE B 40 -19.89 -30.85 -16.25
C ILE B 40 -19.58 -32.34 -16.17
N PRO B 41 -19.13 -32.96 -17.28
CA PRO B 41 -18.97 -34.42 -17.36
C PRO B 41 -18.14 -35.12 -16.27
N ASP B 42 -16.85 -34.81 -16.15
CA ASP B 42 -15.87 -35.47 -15.24
C ASP B 42 -15.16 -36.68 -15.86
N PHE B 43 -13.93 -36.45 -16.32
CA PHE B 43 -13.21 -37.47 -17.08
C PHE B 43 -12.82 -38.67 -16.23
N ARG B 44 -12.68 -38.50 -14.93
CA ARG B 44 -12.30 -39.62 -14.07
C ARG B 44 -13.44 -40.62 -13.91
N SER B 45 -14.69 -40.19 -14.03
CA SER B 45 -15.81 -41.04 -13.67
C SER B 45 -16.10 -42.03 -14.79
N PRO B 46 -15.91 -43.33 -14.61
CA PRO B 46 -16.10 -44.27 -15.72
C PRO B 46 -17.48 -44.14 -16.34
N GLY B 47 -17.56 -44.38 -17.64
CA GLY B 47 -18.83 -44.27 -18.32
C GLY B 47 -19.41 -42.87 -18.38
N SER B 48 -18.62 -41.82 -18.13
CA SER B 48 -19.07 -40.47 -18.42
C SER B 48 -18.96 -40.23 -19.92
N GLY B 49 -19.06 -38.97 -20.33
CA GLY B 49 -18.83 -38.66 -21.72
C GLY B 49 -17.35 -38.72 -22.04
N LEU B 50 -16.58 -37.83 -21.40
CA LEU B 50 -15.14 -37.74 -21.59
C LEU B 50 -14.41 -39.07 -21.52
N TYR B 51 -14.78 -39.91 -20.55
CA TYR B 51 -14.00 -41.10 -20.23
C TYR B 51 -13.88 -42.04 -21.43
N SER B 52 -14.95 -42.16 -22.21
CA SER B 52 -14.95 -43.10 -23.32
C SER B 52 -14.17 -42.58 -24.50
N ASN B 53 -14.36 -41.30 -24.84
CA ASN B 53 -13.58 -40.73 -25.94
C ASN B 53 -12.09 -40.65 -25.58
N LEU B 54 -11.76 -40.42 -24.32
CA LEU B 54 -10.35 -40.39 -23.93
C LEU B 54 -9.73 -41.78 -23.96
N GLN B 55 -10.51 -42.82 -23.73
CA GLN B 55 -9.95 -44.16 -23.84
C GLN B 55 -9.72 -44.55 -25.28
N GLN B 56 -10.34 -43.85 -26.23
CA GLN B 56 -10.04 -44.06 -27.64
C GLN B 56 -8.58 -43.75 -27.95
N TYR B 57 -8.01 -42.77 -27.25
CA TYR B 57 -6.57 -42.60 -27.18
C TYR B 57 -6.03 -43.57 -26.13
N ASP B 58 -5.22 -44.52 -26.55
CA ASP B 58 -4.76 -45.53 -25.59
C ASP B 58 -3.59 -44.93 -24.82
N LEU B 59 -3.93 -44.01 -23.92
CA LEU B 59 -2.93 -43.22 -23.23
C LEU B 59 -2.13 -44.07 -22.23
N PRO B 60 -0.87 -43.71 -21.99
CA PRO B 60 -0.06 -44.52 -21.06
C PRO B 60 -0.53 -44.45 -19.62
N TYR B 61 -1.21 -43.37 -19.22
CA TYR B 61 -1.97 -43.32 -17.97
C TYR B 61 -3.01 -42.20 -18.12
N PRO B 62 -4.18 -42.33 -17.49
CA PRO B 62 -5.28 -41.42 -17.82
C PRO B 62 -4.97 -39.99 -17.59
N GLU B 63 -4.12 -39.67 -16.61
CA GLU B 63 -3.79 -38.28 -16.34
C GLU B 63 -2.77 -37.71 -17.31
N ALA B 64 -2.35 -38.50 -18.31
CA ALA B 64 -1.37 -38.03 -19.29
C ALA B 64 -1.82 -36.74 -19.97
N ILE B 65 -3.13 -36.48 -20.06
CA ILE B 65 -3.64 -35.28 -20.70
C ILE B 65 -3.16 -34.00 -19.99
N PHE B 66 -2.70 -34.09 -18.75
CA PHE B 66 -2.08 -32.95 -18.09
C PHE B 66 -0.57 -33.11 -17.95
N GLU B 67 0.02 -34.00 -18.73
CA GLU B 67 1.46 -34.19 -18.74
C GLU B 67 2.12 -33.34 -19.85
N LEU B 68 3.07 -32.49 -19.47
CA LEU B 68 3.58 -31.50 -20.43
C LEU B 68 4.36 -32.09 -21.62
N PRO B 69 5.19 -33.15 -21.47
CA PRO B 69 5.89 -33.68 -22.65
C PRO B 69 4.99 -34.57 -23.50
N PHE B 70 4.01 -35.24 -22.88
CA PHE B 70 2.96 -35.85 -23.70
C PHE B 70 2.30 -34.81 -24.59
N PHE B 71 1.99 -33.64 -24.03
CA PHE B 71 1.30 -32.57 -24.76
C PHE B 71 2.05 -32.15 -26.05
N PHE B 72 3.39 -32.20 -26.08
CA PHE B 72 4.13 -31.97 -27.35
C PHE B 72 4.25 -33.27 -28.17
N HIS B 73 3.13 -33.80 -28.61
CA HIS B 73 3.17 -35.02 -29.42
C HIS B 73 1.76 -35.34 -29.88
N ASN B 74 0.92 -35.66 -28.92
CA ASN B 74 -0.52 -35.55 -29.10
C ASN B 74 -1.05 -34.55 -28.10
N PRO B 75 -1.32 -33.31 -28.52
CA PRO B 75 -2.17 -32.42 -27.74
C PRO B 75 -3.65 -32.71 -27.88
N LYS B 76 -4.07 -33.58 -28.77
CA LYS B 76 -5.50 -33.87 -28.87
C LYS B 76 -6.19 -34.40 -27.64
N PRO B 77 -5.71 -35.42 -26.96
CA PRO B 77 -6.52 -35.95 -25.86
C PRO B 77 -6.84 -34.89 -24.80
N PHE B 78 -5.99 -33.87 -24.65
CA PHE B 78 -6.23 -32.84 -23.66
C PHE B 78 -7.28 -31.84 -24.15
N PHE B 79 -7.09 -31.40 -25.39
CA PHE B 79 -8.07 -30.55 -26.00
C PHE B 79 -9.42 -31.26 -26.14
N THR B 80 -9.44 -32.59 -26.05
CA THR B 80 -10.69 -33.35 -26.01
C THR B 80 -11.40 -33.13 -24.66
N LEU B 81 -10.63 -33.16 -23.57
CA LEU B 81 -11.14 -32.76 -22.26
C LEU B 81 -11.52 -31.28 -22.23
N ALA B 82 -10.65 -30.42 -22.77
CA ALA B 82 -10.91 -28.99 -22.76
C ALA B 82 -12.25 -28.64 -23.40
N LYS B 83 -12.69 -29.43 -24.38
CA LYS B 83 -13.89 -29.06 -25.13
C LYS B 83 -15.14 -29.27 -24.30
N GLU B 84 -15.19 -30.35 -23.54
CA GLU B 84 -16.34 -30.62 -22.71
C GLU B 84 -16.21 -30.01 -21.31
N LEU B 85 -15.27 -29.07 -21.11
CA LEU B 85 -15.05 -28.42 -19.81
C LEU B 85 -14.84 -26.92 -19.96
N TYR B 86 -14.85 -26.43 -21.19
CA TYR B 86 -14.39 -25.08 -21.45
C TYR B 86 -15.43 -24.07 -20.96
N PRO B 87 -14.98 -22.90 -20.48
CA PRO B 87 -15.90 -21.84 -20.03
C PRO B 87 -16.85 -21.33 -21.11
N GLY B 88 -18.14 -21.20 -20.74
CA GLY B 88 -19.18 -20.74 -21.64
C GLY B 88 -20.16 -21.82 -22.07
N ASN B 89 -20.03 -23.05 -21.57
CA ASN B 89 -21.02 -24.10 -21.78
C ASN B 89 -21.87 -24.41 -20.53
N TYR B 90 -21.51 -23.88 -19.36
CA TYR B 90 -22.15 -24.30 -18.11
C TYR B 90 -22.38 -23.08 -17.23
N LYS B 91 -23.21 -23.25 -16.20
CA LYS B 91 -23.56 -22.20 -15.26
C LYS B 91 -23.37 -22.69 -13.83
N PRO B 92 -23.01 -21.81 -12.90
CA PRO B 92 -22.80 -22.25 -11.52
C PRO B 92 -24.12 -22.68 -10.88
N ASN B 93 -24.09 -23.82 -10.21
CA ASN B 93 -25.27 -24.30 -9.52
C ASN B 93 -25.28 -23.76 -8.09
N VAL B 94 -26.15 -24.33 -7.25
CA VAL B 94 -26.41 -23.76 -5.94
C VAL B 94 -25.25 -23.95 -4.97
N THR B 95 -24.38 -24.95 -5.19
CA THR B 95 -23.23 -25.09 -4.29
C THR B 95 -22.30 -23.89 -4.42
N HIS B 96 -22.14 -23.38 -5.64
CA HIS B 96 -21.27 -22.24 -5.85
C HIS B 96 -21.81 -21.02 -5.11
N TYR B 97 -23.09 -20.71 -5.30
CA TYR B 97 -23.66 -19.51 -4.68
C TYR B 97 -23.67 -19.61 -3.16
N PHE B 98 -23.79 -20.82 -2.62
CA PHE B 98 -23.63 -20.95 -1.17
C PHE B 98 -22.23 -20.54 -0.74
N LEU B 99 -21.21 -20.94 -1.48
CA LEU B 99 -19.87 -20.45 -1.18
C LEU B 99 -19.79 -18.94 -1.36
N ARG B 100 -20.50 -18.43 -2.38
CA ARG B 100 -20.53 -16.98 -2.61
C ARG B 100 -21.23 -16.25 -1.48
N LEU B 101 -22.29 -16.84 -0.95
CA LEU B 101 -22.93 -16.29 0.24
C LEU B 101 -21.98 -16.29 1.43
N LEU B 102 -21.17 -17.34 1.58
CA LEU B 102 -20.18 -17.36 2.66
C LEU B 102 -19.14 -16.24 2.52
N HIS B 103 -18.67 -15.97 1.30
CA HIS B 103 -17.76 -14.84 1.17
C HIS B 103 -18.48 -13.51 1.43
N ASP B 104 -19.70 -13.35 0.89
CA ASP B 104 -20.43 -12.11 1.13
C ASP B 104 -20.73 -11.88 2.60
N LYS B 105 -20.87 -12.96 3.37
CA LYS B 105 -21.07 -12.78 4.80
C LYS B 105 -19.76 -12.59 5.56
N GLY B 106 -18.63 -12.59 4.87
CA GLY B 106 -17.38 -12.36 5.56
C GLY B 106 -16.90 -13.54 6.37
N LEU B 107 -17.22 -14.78 5.96
CA LEU B 107 -16.78 -15.96 6.67
C LEU B 107 -15.74 -16.80 5.91
N LEU B 108 -15.61 -16.64 4.60
CA LEU B 108 -14.68 -17.44 3.79
C LEU B 108 -13.24 -16.96 3.95
N LEU B 109 -12.38 -17.80 4.56
CA LEU B 109 -10.94 -17.52 4.54
C LEU B 109 -10.35 -17.78 3.15
N ARG B 110 -10.64 -18.94 2.55
CA ARG B 110 -10.11 -19.33 1.25
C ARG B 110 -10.89 -20.53 0.74
N LEU B 111 -11.13 -20.54 -0.56
CA LEU B 111 -11.76 -21.64 -1.29
C LEU B 111 -10.73 -22.33 -2.19
N TYR B 112 -10.40 -23.59 -1.87
CA TYR B 112 -9.44 -24.43 -2.58
C TYR B 112 -10.17 -25.34 -3.54
N THR B 113 -9.83 -25.28 -4.82
CA THR B 113 -10.60 -26.07 -5.78
C THR B 113 -9.66 -26.86 -6.68
N GLN B 114 -10.08 -28.09 -7.00
CA GLN B 114 -9.46 -28.92 -8.03
C GLN B 114 -10.21 -28.91 -9.34
N ASN B 115 -11.28 -28.12 -9.46
CA ASN B 115 -11.97 -27.99 -10.74
C ASN B 115 -11.25 -26.94 -11.59
N ILE B 116 -11.39 -27.07 -12.90
CA ILE B 116 -10.85 -26.13 -13.86
C ILE B 116 -11.94 -25.46 -14.66
N ASP B 117 -13.22 -25.73 -14.30
CA ASP B 117 -14.33 -25.19 -15.08
C ASP B 117 -14.59 -23.72 -14.80
N GLY B 118 -13.91 -23.12 -13.83
CA GLY B 118 -14.02 -21.69 -13.65
C GLY B 118 -15.25 -21.22 -12.91
N LEU B 119 -16.15 -22.12 -12.48
CA LEU B 119 -17.46 -21.68 -11.99
C LEU B 119 -17.42 -20.94 -10.65
N GLU B 120 -16.45 -21.24 -9.78
CA GLU B 120 -16.29 -20.47 -8.55
C GLU B 120 -16.22 -18.98 -8.85
N ARG B 121 -15.38 -18.58 -9.82
CA ARG B 121 -15.27 -17.17 -10.21
C ARG B 121 -16.55 -16.64 -10.86
N VAL B 122 -17.17 -17.43 -11.73
CA VAL B 122 -18.43 -16.94 -12.31
C VAL B 122 -19.50 -16.75 -11.22
N SER B 123 -19.43 -17.52 -10.14
CA SER B 123 -20.38 -17.40 -9.05
C SER B 123 -20.22 -16.09 -8.31
N GLY B 124 -19.07 -15.41 -8.49
CA GLY B 124 -18.80 -14.10 -7.90
C GLY B 124 -17.75 -14.12 -6.80
N ILE B 125 -17.11 -15.26 -6.57
CA ILE B 125 -16.12 -15.31 -5.50
C ILE B 125 -14.84 -14.62 -5.96
N PRO B 126 -14.31 -13.67 -5.19
CA PRO B 126 -13.08 -12.96 -5.59
C PRO B 126 -11.90 -13.92 -5.83
N ALA B 127 -11.10 -13.58 -6.85
CA ALA B 127 -9.88 -14.34 -7.11
C ALA B 127 -9.00 -14.44 -5.87
N SER B 128 -9.02 -13.42 -4.99
CA SER B 128 -8.12 -13.43 -3.85
C SER B 128 -8.50 -14.47 -2.81
N LYS B 129 -9.75 -14.92 -2.84
CA LYS B 129 -10.22 -15.97 -1.94
C LYS B 129 -10.06 -17.35 -2.55
N LEU B 130 -9.42 -17.43 -3.71
CA LEU B 130 -9.42 -18.62 -4.57
C LEU B 130 -8.02 -19.16 -4.80
N VAL B 131 -7.86 -20.45 -4.57
CA VAL B 131 -6.70 -21.21 -5.02
C VAL B 131 -7.21 -22.20 -6.05
N GLU B 132 -6.90 -21.92 -7.32
CA GLU B 132 -7.24 -22.83 -8.39
C GLU B 132 -6.09 -23.82 -8.52
N ALA B 133 -6.17 -24.91 -7.75
CA ALA B 133 -5.06 -25.87 -7.62
C ALA B 133 -4.81 -26.68 -8.88
N HIS B 134 -5.67 -26.58 -9.89
CA HIS B 134 -5.40 -27.21 -11.17
C HIS B 134 -5.24 -26.19 -12.31
N GLY B 135 -5.14 -24.89 -11.98
CA GLY B 135 -5.07 -23.83 -12.97
C GLY B 135 -6.41 -23.43 -13.55
N THR B 136 -6.37 -22.79 -14.74
CA THR B 136 -7.57 -22.23 -15.31
C THR B 136 -7.55 -22.19 -16.84
N PHE B 137 -8.76 -22.12 -17.40
CA PHE B 137 -9.01 -21.84 -18.81
C PHE B 137 -9.29 -20.37 -19.09
N ALA B 138 -9.14 -19.49 -18.11
CA ALA B 138 -9.31 -18.06 -18.36
C ALA B 138 -8.10 -17.46 -19.07
N SER B 139 -7.00 -18.19 -19.08
CA SER B 139 -5.72 -17.70 -19.57
C SER B 139 -5.08 -18.82 -20.39
N ALA B 140 -4.48 -18.46 -21.53
CA ALA B 140 -3.82 -19.45 -22.36
C ALA B 140 -2.45 -18.93 -22.77
N THR B 141 -1.50 -19.85 -22.90
CA THR B 141 -0.14 -19.44 -23.18
C THR B 141 0.37 -20.24 -24.37
N CYS B 142 0.91 -19.53 -25.38
CA CYS B 142 1.61 -20.17 -26.48
C CYS B 142 2.80 -20.93 -25.96
N THR B 143 2.89 -22.22 -26.30
CA THR B 143 3.96 -23.08 -25.79
C THR B 143 5.31 -22.73 -26.39
N VAL B 144 5.33 -21.95 -27.46
CA VAL B 144 6.58 -21.65 -28.14
C VAL B 144 7.09 -20.28 -27.74
N CYS B 145 6.21 -19.31 -27.64
CA CYS B 145 6.65 -17.96 -27.35
C CYS B 145 6.23 -17.41 -26.01
N GLN B 146 5.36 -18.13 -25.28
CA GLN B 146 4.88 -17.71 -23.96
C GLN B 146 4.11 -16.39 -24.02
N ARG B 147 3.53 -16.09 -25.16
CA ARG B 147 2.64 -14.94 -25.25
C ARG B 147 1.32 -15.27 -24.55
N PRO B 148 0.81 -14.37 -23.71
CA PRO B 148 -0.49 -14.62 -23.06
C PRO B 148 -1.66 -14.28 -23.96
N PHE B 149 -2.73 -15.08 -23.85
CA PHE B 149 -4.01 -14.82 -24.48
C PHE B 149 -5.14 -14.95 -23.48
N PRO B 150 -6.18 -14.14 -23.60
CA PRO B 150 -7.44 -14.45 -22.92
C PRO B 150 -7.90 -15.83 -23.37
N GLY B 151 -8.49 -16.59 -22.45
CA GLY B 151 -9.05 -17.88 -22.81
C GLY B 151 -10.11 -17.80 -23.89
N GLU B 152 -10.69 -16.62 -24.12
CA GLU B 152 -11.71 -16.48 -25.15
C GLU B 152 -11.13 -16.28 -26.53
N ASP B 153 -9.82 -15.99 -26.61
CA ASP B 153 -9.14 -15.88 -27.90
C ASP B 153 -9.15 -17.22 -28.62
N ILE B 154 -8.98 -18.31 -27.88
CA ILE B 154 -8.87 -19.61 -28.50
C ILE B 154 -10.17 -20.37 -28.43
N ARG B 155 -11.22 -19.80 -27.82
CA ARG B 155 -12.41 -20.59 -27.53
C ARG B 155 -13.09 -21.10 -28.80
N ALA B 156 -13.15 -20.26 -29.85
CA ALA B 156 -13.69 -20.68 -31.13
C ALA B 156 -13.05 -22.00 -31.59
N ASP B 157 -11.72 -22.08 -31.60
CA ASP B 157 -11.07 -23.32 -32.06
C ASP B 157 -11.39 -24.53 -31.19
N VAL B 158 -11.82 -24.33 -29.94
CA VAL B 158 -12.04 -25.40 -28.97
C VAL B 158 -13.10 -26.38 -29.45
N MET B 159 -13.21 -26.54 -30.79
CA MET B 159 -13.82 -27.68 -31.45
C MET B 159 -12.80 -28.58 -32.18
N ALA B 160 -11.60 -28.07 -32.48
CA ALA B 160 -10.40 -28.88 -32.72
C ALA B 160 -9.17 -28.30 -31.98
N ASP B 161 -8.31 -27.49 -32.62
CA ASP B 161 -7.02 -27.22 -31.94
C ASP B 161 -6.36 -25.87 -32.31
N ARG B 162 -5.81 -25.20 -31.29
CA ARG B 162 -5.48 -23.78 -31.32
C ARG B 162 -3.98 -23.51 -31.50
N VAL B 163 -3.61 -22.63 -32.43
CA VAL B 163 -2.18 -22.39 -32.72
C VAL B 163 -1.75 -20.93 -33.01
N PRO B 164 -2.35 -19.84 -32.40
CA PRO B 164 -1.99 -18.45 -32.76
C PRO B 164 -0.55 -17.99 -33.02
N ARG B 165 -0.48 -16.72 -33.48
CA ARG B 165 0.54 -16.20 -34.39
C ARG B 165 1.72 -15.58 -33.65
N CYS B 166 1.43 -14.54 -32.86
CA CYS B 166 2.24 -13.97 -31.77
C CYS B 166 3.72 -13.77 -32.14
N PRO B 167 4.61 -13.46 -31.16
CA PRO B 167 6.05 -13.37 -31.49
C PRO B 167 6.73 -14.69 -31.85
N VAL B 168 7.42 -15.29 -30.87
CA VAL B 168 8.11 -16.58 -30.95
C VAL B 168 7.13 -17.78 -31.09
N CYS B 169 5.99 -17.57 -31.73
CA CYS B 169 4.89 -18.55 -31.78
C CYS B 169 4.65 -19.32 -33.05
N THR B 170 3.51 -19.00 -33.68
CA THR B 170 2.83 -19.79 -34.70
C THR B 170 2.45 -21.19 -34.20
N GLY B 171 2.71 -21.49 -32.93
CA GLY B 171 2.54 -22.83 -32.39
C GLY B 171 1.42 -23.01 -31.39
N VAL B 172 1.39 -24.19 -30.77
CA VAL B 172 0.26 -24.63 -29.97
C VAL B 172 0.09 -23.70 -28.77
N VAL B 173 -1.10 -23.13 -28.64
CA VAL B 173 -1.41 -22.23 -27.52
C VAL B 173 -2.09 -23.08 -26.45
N LYS B 174 -1.48 -23.14 -25.23
CA LYS B 174 -1.95 -24.03 -24.16
C LYS B 174 -2.73 -23.26 -23.12
N PRO B 175 -3.96 -23.65 -22.80
CA PRO B 175 -4.65 -23.12 -21.61
C PRO B 175 -3.81 -23.34 -20.35
N ASP B 176 -3.98 -22.46 -19.37
CA ASP B 176 -3.13 -22.55 -18.18
C ASP B 176 -3.75 -23.48 -17.14
N ILE B 177 -4.02 -24.69 -17.58
CA ILE B 177 -4.12 -25.83 -16.69
C ILE B 177 -2.70 -26.21 -16.26
N VAL B 178 -2.49 -26.35 -14.95
CA VAL B 178 -1.20 -26.76 -14.43
C VAL B 178 -0.91 -28.19 -14.87
N PHE B 179 0.22 -28.36 -15.54
CA PHE B 179 0.64 -29.65 -16.08
C PHE B 179 1.83 -30.16 -15.26
N PHE B 180 1.93 -31.48 -15.09
CA PHE B 180 3.24 -31.99 -14.69
C PHE B 180 4.28 -31.55 -15.73
N GLY B 181 5.28 -30.78 -15.31
CA GLY B 181 6.23 -30.19 -16.23
C GLY B 181 6.22 -28.68 -16.13
N GLU B 182 5.03 -28.11 -16.02
CA GLU B 182 4.93 -26.69 -15.70
C GLU B 182 5.23 -26.49 -14.21
N PRO B 183 5.97 -25.43 -13.87
CA PRO B 183 6.22 -25.12 -12.44
C PRO B 183 4.92 -24.77 -11.71
N LEU B 184 4.75 -25.33 -10.52
CA LEU B 184 3.47 -25.45 -9.82
C LEU B 184 3.04 -24.11 -9.17
N PRO B 185 1.73 -23.92 -8.87
CA PRO B 185 1.25 -22.56 -8.54
C PRO B 185 1.96 -21.96 -7.33
N GLN B 186 2.51 -20.76 -7.50
CA GLN B 186 3.03 -20.02 -6.34
C GLN B 186 1.90 -19.63 -5.37
N ARG B 187 0.73 -19.27 -5.89
CA ARG B 187 -0.42 -18.99 -5.05
C ARG B 187 -0.72 -20.15 -4.10
N PHE B 188 -0.38 -21.39 -4.46
CA PHE B 188 -0.70 -22.53 -3.60
C PHE B 188 0.08 -22.49 -2.28
N LEU B 189 1.15 -21.71 -2.20
CA LEU B 189 1.85 -21.60 -0.93
C LEU B 189 1.02 -20.92 0.15
N LEU B 190 -0.07 -20.22 -0.20
CA LEU B 190 -1.01 -19.73 0.82
C LEU B 190 -1.51 -20.85 1.77
N HIS B 191 -1.38 -22.12 1.37
CA HIS B 191 -1.95 -23.21 2.18
C HIS B 191 -1.24 -23.32 3.53
N VAL B 192 0.05 -23.00 3.55
CA VAL B 192 0.87 -23.08 4.76
C VAL B 192 0.28 -22.22 5.88
N VAL B 193 -0.45 -21.16 5.56
CA VAL B 193 -1.02 -20.29 6.60
C VAL B 193 -2.55 -20.42 6.68
N ASP B 194 -3.26 -20.60 5.54
CA ASP B 194 -4.73 -20.76 5.59
C ASP B 194 -5.16 -21.93 6.48
N PHE B 195 -4.53 -23.11 6.33
CA PHE B 195 -5.05 -24.28 7.05
C PHE B 195 -4.78 -24.23 8.54
N PRO B 196 -3.57 -23.88 9.02
CA PRO B 196 -3.36 -23.70 10.47
C PRO B 196 -4.26 -22.70 11.10
N MET B 197 -4.90 -21.85 10.31
CA MET B 197 -5.70 -20.75 10.83
C MET B 197 -7.20 -20.90 10.63
N ALA B 198 -7.64 -21.85 9.79
CA ALA B 198 -9.06 -22.20 9.70
C ALA B 198 -9.62 -22.55 11.08
N ASP B 199 -10.88 -22.17 11.32
CA ASP B 199 -11.65 -22.69 12.46
C ASP B 199 -12.86 -23.51 12.02
N LEU B 200 -13.06 -23.65 10.71
CA LEU B 200 -13.94 -24.67 10.19
C LEU B 200 -13.40 -25.08 8.84
N LEU B 201 -13.49 -26.38 8.53
CA LEU B 201 -13.10 -26.93 7.23
C LEU B 201 -14.32 -27.53 6.54
N LEU B 202 -14.71 -26.94 5.41
CA LEU B 202 -15.78 -27.48 4.54
C LEU B 202 -15.13 -28.26 3.41
N ILE B 203 -15.31 -29.58 3.41
CA ILE B 203 -14.93 -30.45 2.30
C ILE B 203 -16.20 -30.78 1.53
N LEU B 204 -16.38 -30.14 0.38
CA LEU B 204 -17.60 -30.23 -0.44
C LEU B 204 -17.35 -31.00 -1.72
N GLY B 205 -17.97 -32.15 -1.86
CA GLY B 205 -18.12 -32.71 -3.18
C GLY B 205 -16.82 -33.08 -3.83
N THR B 206 -15.92 -33.72 -3.08
CA THR B 206 -14.65 -34.23 -3.56
C THR B 206 -14.41 -35.59 -2.92
N SER B 207 -13.74 -36.45 -3.67
CA SER B 207 -13.39 -37.80 -3.27
C SER B 207 -12.12 -37.87 -2.45
N LEU B 208 -11.41 -36.74 -2.31
CA LEU B 208 -10.07 -36.73 -1.72
C LEU B 208 -9.17 -37.76 -2.41
N GLU B 209 -9.48 -38.05 -3.67
CA GLU B 209 -8.75 -39.06 -4.44
C GLU B 209 -7.40 -38.53 -4.94
N VAL B 210 -7.33 -37.25 -5.27
CA VAL B 210 -6.14 -36.66 -5.87
C VAL B 210 -5.51 -35.73 -4.85
N GLU B 211 -4.24 -36.00 -4.50
CA GLU B 211 -3.46 -35.15 -3.61
C GLU B 211 -3.23 -33.76 -4.20
N PRO B 212 -2.86 -32.76 -3.36
CA PRO B 212 -2.56 -32.78 -1.91
C PRO B 212 -3.78 -32.63 -1.03
N PHE B 213 -4.96 -32.42 -1.64
CA PHE B 213 -6.17 -32.15 -0.87
C PHE B 213 -6.40 -33.18 0.25
N ALA B 214 -6.22 -34.47 -0.01
CA ALA B 214 -6.42 -35.46 1.05
C ALA B 214 -5.51 -35.18 2.24
N SER B 215 -4.23 -34.90 1.97
CA SER B 215 -3.26 -34.56 3.00
C SER B 215 -3.62 -33.27 3.74
N LEU B 216 -4.27 -32.34 3.03
CA LEU B 216 -4.55 -31.02 3.60
C LEU B 216 -5.68 -31.07 4.62
N THR B 217 -6.49 -32.12 4.63
CA THR B 217 -7.54 -32.24 5.64
C THR B 217 -6.94 -32.40 7.03
N GLU B 218 -5.72 -32.93 7.10
CA GLU B 218 -5.05 -33.14 8.38
C GLU B 218 -4.34 -31.89 8.91
N ALA B 219 -4.21 -30.84 8.10
CA ALA B 219 -3.41 -29.67 8.46
C ALA B 219 -4.15 -28.67 9.35
N VAL B 220 -5.47 -28.82 9.52
CA VAL B 220 -6.20 -27.97 10.44
C VAL B 220 -5.92 -28.42 11.88
N ARG B 221 -6.08 -27.48 12.81
CA ARG B 221 -5.81 -27.78 14.21
C ARG B 221 -6.82 -28.79 14.74
N SER B 222 -6.35 -29.64 15.67
CA SER B 222 -7.14 -30.78 16.14
C SER B 222 -8.49 -30.37 16.73
N SER B 223 -8.63 -29.11 17.14
CA SER B 223 -9.87 -28.63 17.73
C SER B 223 -10.88 -28.13 16.69
N VAL B 224 -10.52 -28.16 15.42
CA VAL B 224 -11.28 -27.48 14.36
C VAL B 224 -12.16 -28.52 13.69
N PRO B 225 -13.49 -28.35 13.70
CA PRO B 225 -14.36 -29.37 13.10
C PRO B 225 -14.14 -29.45 11.60
N ARG B 226 -14.41 -30.62 11.05
CA ARG B 226 -14.28 -30.85 9.62
C ARG B 226 -15.62 -31.37 9.14
N LEU B 227 -16.32 -30.57 8.34
CA LEU B 227 -17.59 -30.98 7.79
C LEU B 227 -17.41 -31.46 6.35
N LEU B 228 -17.79 -32.71 6.08
CA LEU B 228 -17.80 -33.27 4.74
C LEU B 228 -19.25 -33.36 4.26
N ILE B 229 -19.56 -32.65 3.18
CA ILE B 229 -20.81 -32.85 2.44
C ILE B 229 -20.42 -33.54 1.15
N ASN B 230 -20.84 -34.80 1.01
CA ASN B 230 -20.30 -35.64 -0.06
C ASN B 230 -21.10 -36.92 -0.12
N ARG B 231 -21.16 -37.53 -1.32
CA ARG B 231 -21.91 -38.78 -1.45
C ARG B 231 -21.38 -39.87 -0.50
N ASP B 232 -20.11 -39.77 -0.05
CA ASP B 232 -19.56 -40.83 0.80
C ASP B 232 -18.38 -40.36 1.65
N LEU B 233 -18.08 -41.15 2.68
CA LEU B 233 -16.96 -40.92 3.59
C LEU B 233 -15.63 -41.23 2.91
N VAL B 234 -14.75 -40.22 2.82
CA VAL B 234 -13.57 -40.29 1.98
C VAL B 234 -12.34 -39.76 2.74
N GLY B 235 -11.20 -40.37 2.46
CA GLY B 235 -9.92 -39.81 2.83
C GLY B 235 -9.64 -39.90 4.31
N PRO B 236 -8.79 -39.00 4.81
CA PRO B 236 -8.45 -39.06 6.23
C PRO B 236 -9.65 -38.92 7.16
N LEU B 237 -10.81 -38.49 6.67
CA LEU B 237 -11.98 -38.52 7.55
C LEU B 237 -12.44 -39.95 7.79
N ALA B 238 -12.37 -40.81 6.77
CA ALA B 238 -12.69 -42.23 6.97
C ALA B 238 -11.54 -43.00 7.63
N TRP B 239 -10.28 -42.73 7.22
CA TRP B 239 -9.09 -43.45 7.69
C TRP B 239 -8.52 -42.90 9.01
N HIS B 240 -8.74 -41.62 9.31
CA HIS B 240 -8.18 -40.97 10.49
C HIS B 240 -9.15 -39.97 11.10
N PRO B 241 -10.34 -40.40 11.49
CA PRO B 241 -11.35 -39.43 11.94
C PRO B 241 -10.93 -38.69 13.21
N ARG B 242 -11.40 -37.46 13.34
CA ARG B 242 -11.26 -36.72 14.59
C ARG B 242 -12.61 -36.60 15.27
N SER B 243 -12.57 -36.21 16.54
CA SER B 243 -13.79 -36.17 17.35
C SER B 243 -14.72 -35.03 16.95
N ARG B 244 -14.25 -34.05 16.17
CA ARG B 244 -15.14 -32.95 15.81
C ARG B 244 -15.52 -32.95 14.35
N ASP B 245 -15.45 -34.10 13.69
CA ASP B 245 -15.87 -34.21 12.31
C ASP B 245 -17.37 -34.50 12.21
N VAL B 246 -18.04 -33.79 11.30
CA VAL B 246 -19.41 -34.08 10.88
C VAL B 246 -19.41 -34.55 9.43
N ALA B 247 -20.35 -35.44 9.10
CA ALA B 247 -20.38 -36.08 7.79
C ALA B 247 -21.83 -36.12 7.29
N GLN B 248 -22.22 -35.14 6.49
CA GLN B 248 -23.50 -35.16 5.79
C GLN B 248 -23.33 -35.97 4.49
N LEU B 249 -23.49 -37.28 4.62
CA LEU B 249 -23.34 -38.16 3.46
C LEU B 249 -24.59 -38.11 2.58
N GLY B 250 -24.39 -38.27 1.28
CA GLY B 250 -25.50 -38.10 0.37
C GLY B 250 -25.36 -36.83 -0.45
N ASP B 251 -25.85 -36.91 -1.70
CA ASP B 251 -25.99 -35.84 -2.70
C ASP B 251 -25.56 -34.46 -2.21
N VAL B 252 -24.60 -33.84 -2.92
CA VAL B 252 -24.04 -32.62 -2.36
C VAL B 252 -25.07 -31.52 -2.40
N VAL B 253 -25.90 -31.47 -3.44
CA VAL B 253 -26.85 -30.36 -3.59
C VAL B 253 -27.91 -30.41 -2.49
N HIS B 254 -28.44 -31.61 -2.17
CA HIS B 254 -29.36 -31.77 -1.03
C HIS B 254 -28.66 -31.39 0.29
N GLY B 255 -27.44 -31.89 0.50
CA GLY B 255 -26.71 -31.52 1.70
C GLY B 255 -26.57 -30.01 1.87
N VAL B 256 -26.12 -29.33 0.82
CA VAL B 256 -25.94 -27.88 0.87
C VAL B 256 -27.26 -27.18 1.11
N GLU B 257 -28.34 -27.63 0.46
CA GLU B 257 -29.65 -27.02 0.65
C GLU B 257 -30.12 -27.22 2.08
N SER B 258 -29.85 -28.41 2.63
CA SER B 258 -30.13 -28.69 4.04
C SER B 258 -29.39 -27.72 4.95
N LEU B 259 -28.07 -27.58 4.78
CA LEU B 259 -27.32 -26.69 5.65
C LEU B 259 -27.79 -25.25 5.50
N VAL B 260 -28.26 -24.88 4.30
CA VAL B 260 -28.74 -23.52 4.06
C VAL B 260 -30.01 -23.26 4.86
N GLU B 261 -30.88 -24.28 4.95
CA GLU B 261 -32.04 -24.21 5.85
C GLU B 261 -31.63 -24.02 7.29
N LEU B 262 -30.73 -24.87 7.81
CA LEU B 262 -30.26 -24.73 9.18
C LEU B 262 -29.53 -23.40 9.44
N LEU B 263 -29.09 -22.70 8.41
CA LEU B 263 -28.43 -21.42 8.64
C LEU B 263 -29.41 -20.27 8.62
N GLY B 264 -30.67 -20.53 8.28
CA GLY B 264 -31.64 -19.48 8.05
C GLY B 264 -31.34 -18.63 6.83
N TRP B 265 -30.80 -19.24 5.77
CA TRP B 265 -30.39 -18.51 4.58
C TRP B 265 -31.19 -18.84 3.34
N THR B 266 -32.21 -19.72 3.45
CA THR B 266 -32.90 -20.21 2.25
C THR B 266 -33.42 -19.07 1.39
N GLU B 267 -33.90 -18.00 2.02
CA GLU B 267 -34.49 -16.93 1.21
C GLU B 267 -33.44 -15.97 0.67
N GLU B 268 -32.31 -15.80 1.35
CA GLU B 268 -31.24 -14.97 0.77
C GLU B 268 -30.60 -15.66 -0.43
N MET B 269 -30.47 -17.00 -0.40
CA MET B 269 -30.03 -17.80 -1.55
C MET B 269 -31.01 -17.70 -2.73
N ARG B 270 -32.32 -17.71 -2.45
CA ARG B 270 -33.36 -17.32 -3.41
C ARG B 270 -32.97 -16.13 -4.29
N ASP B 271 -32.93 -14.93 -3.68
CA ASP B 271 -32.68 -13.70 -4.44
C ASP B 271 -31.30 -13.74 -5.11
N LEU B 272 -30.31 -14.33 -4.42
CA LEU B 272 -28.98 -14.44 -5.01
C LEU B 272 -28.99 -15.26 -6.29
N VAL B 273 -29.38 -16.54 -6.20
CA VAL B 273 -29.42 -17.41 -7.37
C VAL B 273 -30.29 -16.81 -8.45
N GLN B 274 -31.44 -16.26 -8.06
CA GLN B 274 -32.34 -15.63 -9.01
C GLN B 274 -31.68 -14.45 -9.70
N ARG B 275 -31.12 -13.52 -8.94
CA ARG B 275 -30.42 -12.38 -9.51
C ARG B 275 -29.20 -12.79 -10.36
N GLU B 276 -28.50 -13.87 -9.98
CA GLU B 276 -27.28 -14.19 -10.74
C GLU B 276 -27.58 -14.94 -12.02
N THR B 277 -28.77 -15.53 -12.14
CA THR B 277 -29.10 -16.26 -13.36
C THR B 277 -30.18 -15.55 -14.20
N LYS C 6 -1.51 52.59 -1.24
CA LYS C 6 -2.33 53.41 -2.12
C LYS C 6 -2.13 53.02 -3.59
N GLY C 7 -0.88 53.06 -4.04
CA GLY C 7 -0.54 52.63 -5.39
C GLY C 7 -0.16 51.16 -5.47
N LYS C 8 -0.93 50.30 -4.81
CA LYS C 8 -0.71 48.87 -4.81
C LYS C 8 -1.40 48.24 -6.02
N LEU C 9 -0.83 47.13 -6.50
CA LEU C 9 -0.88 46.81 -7.92
C LEU C 9 -2.05 45.89 -8.29
N SER C 10 -2.79 46.29 -9.35
CA SER C 10 -3.95 45.58 -9.86
C SER C 10 -3.78 45.34 -11.34
N LEU C 11 -4.46 44.31 -11.85
CA LEU C 11 -4.33 43.88 -13.24
C LEU C 11 -4.46 45.08 -14.18
N GLN C 12 -5.21 46.10 -13.76
CA GLN C 12 -5.24 47.38 -14.45
C GLN C 12 -3.84 47.99 -14.45
N ASP C 13 -3.31 48.24 -13.25
CA ASP C 13 -2.01 48.90 -13.13
C ASP C 13 -1.00 48.22 -14.05
N VAL C 14 -0.90 46.90 -13.97
CA VAL C 14 0.10 46.18 -14.77
C VAL C 14 -0.03 46.52 -16.25
N ALA C 15 -1.27 46.51 -16.77
CA ALA C 15 -1.48 46.77 -18.19
C ALA C 15 -1.10 48.19 -18.60
N GLU C 16 -1.00 49.14 -17.66
CA GLU C 16 -0.52 50.47 -18.00
C GLU C 16 0.99 50.48 -18.20
N LEU C 17 1.73 49.68 -17.42
CA LEU C 17 3.19 49.70 -17.57
C LEU C 17 3.64 49.09 -18.89
N ILE C 18 2.87 48.17 -19.46
CA ILE C 18 3.22 47.63 -20.77
C ILE C 18 2.86 48.62 -21.87
N ARG C 19 1.72 49.31 -21.72
CA ARG C 19 1.28 50.28 -22.70
C ARG C 19 2.19 51.50 -22.72
N ALA C 20 2.62 51.96 -21.54
CA ALA C 20 3.59 53.05 -21.39
C ALA C 20 5.02 52.60 -21.68
N ARG C 21 5.22 51.33 -22.03
CA ARG C 21 6.54 50.72 -22.21
C ARG C 21 7.45 50.98 -21.01
N ALA C 22 6.86 50.96 -19.81
CA ALA C 22 7.67 50.99 -18.59
C ALA C 22 8.15 49.58 -18.23
N CYS C 23 7.31 48.58 -18.47
CA CYS C 23 7.75 47.20 -18.51
C CYS C 23 8.01 46.81 -19.96
N GLN C 24 9.30 46.69 -20.32
CA GLN C 24 9.71 46.30 -21.65
C GLN C 24 10.48 44.97 -21.69
N ARG C 25 10.71 44.35 -20.53
CA ARG C 25 11.44 43.09 -20.41
C ARG C 25 10.59 42.17 -19.56
N VAL C 26 9.61 41.55 -20.21
CA VAL C 26 8.73 40.60 -19.58
C VAL C 26 9.34 39.22 -19.73
N VAL C 27 9.83 38.65 -18.62
CA VAL C 27 10.06 37.21 -18.59
C VAL C 27 8.73 36.55 -18.25
N VAL C 28 8.53 35.32 -18.71
CA VAL C 28 7.22 34.66 -18.63
C VAL C 28 7.38 33.17 -18.32
N MET C 29 6.59 32.67 -17.35
CA MET C 29 6.53 31.25 -16.99
C MET C 29 5.12 30.70 -17.21
N VAL C 30 5.04 29.59 -17.96
CA VAL C 30 3.76 28.95 -18.29
C VAL C 30 3.88 27.46 -18.04
N GLY C 31 2.74 26.86 -17.73
CA GLY C 31 2.67 25.44 -17.41
C GLY C 31 1.45 24.81 -18.03
N ALA C 32 1.08 23.61 -17.59
CA ALA C 32 0.03 22.84 -18.25
C ALA C 32 -1.31 23.57 -18.26
N GLY C 33 -1.49 24.61 -17.42
CA GLY C 33 -2.72 25.38 -17.42
C GLY C 33 -2.92 26.26 -18.65
N ILE C 34 -1.85 26.60 -19.36
CA ILE C 34 -2.06 27.30 -20.63
C ILE C 34 -2.25 26.30 -21.75
N SER C 35 -1.86 25.05 -21.54
CA SER C 35 -2.07 24.01 -22.53
C SER C 35 -3.48 23.44 -22.49
N THR C 36 -4.01 23.16 -21.29
CA THR C 36 -5.33 22.53 -21.13
C THR C 36 -6.41 23.06 -22.08
N PRO C 37 -6.66 24.38 -22.19
CA PRO C 37 -7.78 24.83 -23.02
C PRO C 37 -7.60 24.59 -24.52
N SER C 38 -6.52 23.97 -24.95
CA SER C 38 -6.38 23.53 -26.33
C SER C 38 -6.62 22.03 -26.48
N GLY C 39 -7.21 21.40 -25.46
CA GLY C 39 -7.58 20.01 -25.52
C GLY C 39 -6.57 19.02 -24.97
N ILE C 40 -5.55 19.48 -24.26
CA ILE C 40 -4.46 18.62 -23.86
C ILE C 40 -4.95 17.68 -22.70
N PRO C 41 -4.67 16.39 -22.78
CA PRO C 41 -5.36 15.46 -21.85
C PRO C 41 -4.80 15.43 -20.43
N ASP C 42 -3.48 15.57 -20.23
CA ASP C 42 -2.80 15.55 -18.92
C ASP C 42 -2.61 14.14 -18.36
N PHE C 43 -1.36 13.76 -18.10
CA PHE C 43 -1.04 12.39 -17.67
C PHE C 43 -1.31 12.16 -16.20
N ARG C 44 -1.60 13.18 -15.41
CA ARG C 44 -1.74 13.03 -13.97
C ARG C 44 -3.05 13.62 -13.45
N SER C 45 -4.11 13.60 -14.26
CA SER C 45 -5.40 14.10 -13.82
C SER C 45 -6.43 12.96 -13.73
N PRO C 46 -7.29 12.95 -12.69
CA PRO C 46 -7.98 11.72 -12.35
C PRO C 46 -9.11 11.41 -13.31
N GLY C 47 -8.84 10.60 -14.31
CA GLY C 47 -9.85 10.24 -15.28
C GLY C 47 -9.80 11.09 -16.53
N SER C 48 -8.79 10.85 -17.36
CA SER C 48 -8.65 11.49 -18.65
C SER C 48 -8.13 10.46 -19.65
N GLY C 49 -8.07 10.87 -20.91
CA GLY C 49 -7.65 10.00 -21.99
C GLY C 49 -6.30 9.36 -21.73
N LEU C 50 -5.26 10.19 -21.73
CA LEU C 50 -3.90 9.69 -21.57
C LEU C 50 -3.65 9.18 -20.15
N TYR C 51 -4.39 9.69 -19.16
CA TYR C 51 -4.19 9.26 -17.79
C TYR C 51 -4.60 7.81 -17.59
N SER C 52 -5.74 7.42 -18.17
CA SER C 52 -6.19 6.04 -18.07
C SER C 52 -5.32 5.12 -18.92
N ASN C 53 -4.80 5.61 -20.05
CA ASN C 53 -3.84 4.86 -20.86
C ASN C 53 -2.66 4.41 -19.99
N LEU C 54 -1.88 5.36 -19.48
CA LEU C 54 -0.76 5.00 -18.61
C LEU C 54 -1.23 4.17 -17.42
N GLN C 55 -2.42 4.48 -16.91
CA GLN C 55 -2.99 3.72 -15.80
C GLN C 55 -3.36 2.30 -16.19
N GLN C 56 -3.56 2.04 -17.49
CA GLN C 56 -3.77 0.68 -17.96
C GLN C 56 -2.60 -0.23 -17.59
N TYR C 57 -1.37 0.29 -17.68
CA TYR C 57 -0.20 -0.43 -17.19
C TYR C 57 -0.06 -0.23 -15.67
N ASP C 58 0.90 -0.93 -15.07
CA ASP C 58 0.89 -1.25 -13.63
C ASP C 58 1.60 -0.23 -12.75
N LEU C 59 2.10 0.85 -13.32
CA LEU C 59 3.13 1.71 -12.72
C LEU C 59 2.89 2.10 -11.26
N PRO C 60 3.94 2.19 -10.44
CA PRO C 60 3.75 2.54 -9.03
C PRO C 60 3.53 4.03 -8.84
N TYR C 61 3.70 4.80 -9.89
CA TYR C 61 3.75 6.25 -9.94
C TYR C 61 3.23 6.65 -11.29
N PRO C 62 2.56 7.79 -11.41
CA PRO C 62 2.35 8.34 -12.75
C PRO C 62 3.64 8.86 -13.35
N GLU C 63 4.61 9.26 -12.52
CA GLU C 63 5.86 9.83 -12.97
C GLU C 63 6.89 8.78 -13.39
N ALA C 64 6.57 7.47 -13.30
CA ALA C 64 7.50 6.45 -13.75
C ALA C 64 7.68 6.45 -15.26
N ILE C 65 6.82 7.14 -16.01
CA ILE C 65 6.95 7.16 -17.46
C ILE C 65 8.19 7.94 -17.87
N PHE C 66 8.51 9.02 -17.13
CA PHE C 66 9.76 9.75 -17.23
C PHE C 66 10.91 9.07 -16.46
N GLU C 67 10.75 7.80 -16.04
CA GLU C 67 11.76 7.08 -15.28
C GLU C 67 12.38 6.03 -16.17
N LEU C 68 13.68 5.96 -16.14
CA LEU C 68 14.43 5.44 -17.27
C LEU C 68 14.49 3.91 -17.21
N PRO C 69 14.75 3.30 -16.04
CA PRO C 69 14.55 1.85 -15.93
C PRO C 69 13.16 1.35 -16.26
N PHE C 70 12.12 2.18 -16.10
CA PHE C 70 10.81 1.73 -16.55
C PHE C 70 10.75 1.74 -18.07
N PHE C 71 11.42 2.69 -18.71
CA PHE C 71 11.49 2.73 -20.16
C PHE C 71 12.22 1.53 -20.73
N PHE C 72 13.17 0.96 -19.99
CA PHE C 72 13.84 -0.28 -20.37
C PHE C 72 13.05 -1.51 -19.98
N HIS C 73 11.92 -1.37 -19.29
CA HIS C 73 11.05 -2.52 -19.12
C HIS C 73 9.89 -2.37 -20.09
N ASN C 74 9.01 -1.41 -19.83
CA ASN C 74 7.91 -1.18 -20.76
C ASN C 74 7.90 0.26 -21.22
N PRO C 75 8.29 0.52 -22.47
CA PRO C 75 8.22 1.88 -23.00
C PRO C 75 6.86 2.23 -23.56
N LYS C 76 5.96 1.25 -23.76
CA LYS C 76 4.77 1.58 -24.52
C LYS C 76 3.84 2.53 -23.75
N PRO C 77 3.88 2.58 -22.39
CA PRO C 77 3.27 3.72 -21.70
C PRO C 77 3.71 5.05 -22.30
N PHE C 78 5.00 5.37 -22.10
CA PHE C 78 5.51 6.70 -22.44
C PHE C 78 5.15 7.12 -23.85
N PHE C 79 5.24 6.19 -24.81
CA PHE C 79 5.05 6.58 -26.21
C PHE C 79 3.59 6.84 -26.55
N THR C 80 2.68 6.10 -25.92
CA THR C 80 1.28 6.37 -26.17
C THR C 80 0.80 7.58 -25.37
N LEU C 81 1.64 8.18 -24.53
CA LEU C 81 1.48 9.58 -24.19
C LEU C 81 1.85 10.46 -25.37
N ALA C 82 3.07 10.27 -25.88
CA ALA C 82 3.55 11.09 -26.99
C ALA C 82 2.64 10.93 -28.22
N LYS C 83 2.14 9.71 -28.46
CA LYS C 83 1.21 9.51 -29.56
C LYS C 83 -0.01 10.41 -29.42
N GLU C 84 -0.29 10.87 -28.20
CA GLU C 84 -1.35 11.84 -27.97
C GLU C 84 -0.81 13.20 -27.53
N LEU C 85 0.48 13.48 -27.79
CA LEU C 85 1.00 14.85 -27.64
C LEU C 85 1.94 15.30 -28.75
N TYR C 86 2.36 14.43 -29.65
CA TYR C 86 3.17 14.86 -30.78
C TYR C 86 2.44 15.98 -31.53
N PRO C 87 3.13 17.05 -31.94
CA PRO C 87 2.49 18.18 -32.63
C PRO C 87 1.49 17.83 -33.74
N GLY C 88 0.65 18.80 -34.09
CA GLY C 88 -0.33 18.64 -35.13
C GLY C 88 -1.73 18.40 -34.59
N ASN C 89 -1.81 17.56 -33.56
CA ASN C 89 -3.12 17.12 -33.06
C ASN C 89 -3.89 18.27 -32.42
N TYR C 90 -3.22 19.11 -31.63
CA TYR C 90 -3.86 20.23 -30.95
C TYR C 90 -3.29 21.54 -31.49
N LYS C 91 -4.04 22.63 -31.28
CA LYS C 91 -3.84 23.95 -31.85
C LYS C 91 -3.66 25.01 -30.76
N PRO C 92 -2.76 25.98 -30.92
CA PRO C 92 -2.55 26.98 -29.84
C PRO C 92 -3.77 27.87 -29.64
N ASN C 93 -3.88 28.45 -28.43
CA ASN C 93 -5.05 29.25 -28.06
C ASN C 93 -4.63 30.66 -27.66
N VAL C 94 -5.56 31.37 -27.02
CA VAL C 94 -5.40 32.81 -26.80
C VAL C 94 -4.17 33.08 -25.95
N THR C 95 -3.86 32.16 -25.03
CA THR C 95 -2.70 32.29 -24.16
C THR C 95 -1.40 32.20 -24.95
N HIS C 96 -1.27 31.16 -25.78
CA HIS C 96 -0.10 31.04 -26.65
C HIS C 96 0.05 32.29 -27.52
N TYR C 97 -1.06 32.78 -28.08
CA TYR C 97 -0.97 33.91 -29.00
C TYR C 97 -0.77 35.22 -28.26
N PHE C 98 -1.26 35.34 -27.03
CA PHE C 98 -0.96 36.54 -26.25
C PHE C 98 0.54 36.67 -26.00
N LEU C 99 1.20 35.55 -25.68
CA LEU C 99 2.64 35.54 -25.57
C LEU C 99 3.31 35.60 -26.94
N ARG C 100 2.56 35.26 -28.00
CA ARG C 100 3.04 35.52 -29.34
C ARG C 100 3.05 37.02 -29.63
N LEU C 101 2.13 37.76 -29.01
CA LEU C 101 2.01 39.19 -29.28
C LEU C 101 2.98 40.06 -28.47
N LEU C 102 3.41 39.62 -27.28
CA LEU C 102 4.46 40.39 -26.59
C LEU C 102 5.76 40.31 -27.36
N HIS C 103 6.10 39.10 -27.82
CA HIS C 103 7.25 38.94 -28.69
C HIS C 103 7.13 39.86 -29.91
N ASP C 104 6.01 39.75 -30.65
CA ASP C 104 5.77 40.58 -31.83
C ASP C 104 5.98 42.07 -31.50
N LYS C 105 5.40 42.53 -30.40
CA LYS C 105 5.57 43.92 -30.01
C LYS C 105 6.92 44.20 -29.34
N GLY C 106 7.80 43.21 -29.22
CA GLY C 106 9.15 43.45 -28.74
C GLY C 106 9.30 43.56 -27.23
N LEU C 107 8.40 42.95 -26.45
CA LEU C 107 8.39 43.04 -24.99
C LEU C 107 8.91 41.79 -24.30
N LEU C 108 9.05 40.67 -25.02
CA LEU C 108 9.37 39.38 -24.42
C LEU C 108 10.88 39.25 -24.24
N LEU C 109 11.34 39.11 -22.99
CA LEU C 109 12.73 38.74 -22.78
C LEU C 109 12.89 37.24 -23.05
N ARG C 110 12.05 36.43 -22.41
CA ARG C 110 12.10 34.99 -22.61
C ARG C 110 10.81 34.34 -22.10
N LEU C 111 10.41 33.27 -22.79
CA LEU C 111 9.35 32.40 -22.33
C LEU C 111 9.97 31.14 -21.73
N TYR C 112 9.62 30.85 -20.47
CA TYR C 112 9.99 29.60 -19.80
C TYR C 112 8.74 28.74 -19.73
N THR C 113 8.89 27.45 -20.01
CA THR C 113 7.70 26.62 -20.09
C THR C 113 7.97 25.20 -19.60
N GLN C 114 7.02 24.66 -18.79
CA GLN C 114 7.06 23.25 -18.43
C GLN C 114 6.38 22.38 -19.47
N ASN C 115 5.78 22.98 -20.48
CA ASN C 115 4.95 22.22 -21.41
C ASN C 115 5.82 21.50 -22.44
N ILE C 116 5.32 20.35 -22.90
CA ILE C 116 6.02 19.58 -23.93
C ILE C 116 5.20 19.41 -25.20
N ASP C 117 3.96 19.91 -25.25
CA ASP C 117 3.10 19.68 -26.41
C ASP C 117 3.63 20.41 -27.65
N GLY C 118 4.53 21.37 -27.46
CA GLY C 118 5.17 22.07 -28.55
C GLY C 118 4.43 23.28 -29.05
N LEU C 119 3.45 23.77 -28.29
CA LEU C 119 2.52 24.75 -28.83
C LEU C 119 3.10 26.15 -28.83
N GLU C 120 4.03 26.47 -27.93
CA GLU C 120 4.64 27.80 -27.96
C GLU C 120 5.37 28.04 -29.30
N ARG C 121 6.16 27.06 -29.74
CA ARG C 121 6.76 27.13 -31.09
C ARG C 121 5.69 27.29 -32.16
N VAL C 122 4.66 26.41 -32.14
CA VAL C 122 3.62 26.43 -33.17
C VAL C 122 2.99 27.82 -33.29
N SER C 123 2.93 28.57 -32.18
CA SER C 123 2.23 29.85 -32.16
C SER C 123 3.00 30.98 -32.81
N GLY C 124 4.25 30.74 -33.21
CA GLY C 124 5.08 31.75 -33.80
C GLY C 124 6.13 32.41 -32.90
N ILE C 125 6.57 31.74 -31.84
CA ILE C 125 7.64 32.23 -30.98
C ILE C 125 8.91 31.44 -31.36
N PRO C 126 9.98 32.11 -31.76
CA PRO C 126 11.15 31.38 -32.29
C PRO C 126 11.89 30.69 -31.14
N ALA C 127 12.72 29.70 -31.53
CA ALA C 127 13.33 28.82 -30.56
C ALA C 127 14.14 29.59 -29.51
N SER C 128 14.77 30.69 -29.89
CA SER C 128 15.62 31.41 -28.96
C SER C 128 14.85 32.22 -27.92
N LYS C 129 13.55 32.43 -28.11
CA LYS C 129 12.74 33.06 -27.06
C LYS C 129 12.28 32.04 -26.03
N LEU C 130 12.36 30.77 -26.36
CA LEU C 130 11.85 29.70 -25.52
C LEU C 130 12.96 29.07 -24.71
N VAL C 131 12.60 28.63 -23.51
CA VAL C 131 13.40 27.71 -22.72
C VAL C 131 12.47 26.56 -22.34
N GLU C 132 12.76 25.37 -22.83
CA GLU C 132 11.82 24.26 -22.70
C GLU C 132 12.28 23.36 -21.57
N ALA C 133 11.68 23.55 -20.39
CA ALA C 133 12.18 22.93 -19.17
C ALA C 133 12.02 21.41 -19.15
N HIS C 134 10.91 20.88 -19.68
CA HIS C 134 10.72 19.43 -19.67
C HIS C 134 11.07 18.77 -21.00
N GLY C 135 11.86 19.42 -21.83
CA GLY C 135 12.30 18.88 -23.10
C GLY C 135 11.37 19.24 -24.24
N THR C 136 11.50 18.48 -25.33
CA THR C 136 10.73 18.78 -26.52
C THR C 136 10.59 17.52 -27.36
N PHE C 137 9.49 17.47 -28.11
CA PHE C 137 9.26 16.45 -29.14
C PHE C 137 9.87 16.90 -30.47
N ALA C 138 10.89 17.75 -30.42
CA ALA C 138 11.51 18.29 -31.62
C ALA C 138 12.69 17.43 -32.08
N SER C 139 13.55 17.05 -31.16
CA SER C 139 14.72 16.24 -31.46
C SER C 139 14.57 14.88 -30.80
N ALA C 140 15.39 13.92 -31.24
CA ALA C 140 15.46 12.60 -30.64
C ALA C 140 16.91 12.26 -30.29
N THR C 141 17.13 11.01 -29.88
CA THR C 141 18.39 10.53 -29.32
C THR C 141 18.20 9.05 -28.97
N CYS C 142 19.22 8.21 -29.18
CA CYS C 142 19.12 6.81 -28.81
C CYS C 142 19.61 6.59 -27.40
N THR C 143 19.13 5.51 -26.81
CA THR C 143 19.35 5.19 -25.40
C THR C 143 20.49 4.21 -25.16
N VAL C 144 21.39 4.05 -26.12
CA VAL C 144 22.66 3.34 -25.92
C VAL C 144 23.79 4.22 -26.47
N CYS C 145 23.91 4.27 -27.79
CA CYS C 145 24.96 5.04 -28.44
C CYS C 145 24.78 6.55 -28.25
N GLN C 146 23.52 7.03 -28.17
CA GLN C 146 23.14 8.44 -28.04
C GLN C 146 23.18 9.19 -29.36
N ARG C 147 22.84 8.52 -30.47
CA ARG C 147 22.91 9.18 -31.77
C ARG C 147 21.75 10.15 -31.96
N PRO C 148 21.98 11.33 -32.51
CA PRO C 148 20.87 12.26 -32.73
C PRO C 148 20.04 11.90 -33.94
N PHE C 149 18.77 12.33 -33.90
CA PHE C 149 17.72 12.08 -34.89
C PHE C 149 16.73 13.24 -34.89
N PRO C 150 16.50 13.96 -36.02
CA PRO C 150 15.37 14.90 -36.04
C PRO C 150 14.10 14.24 -35.54
N GLY C 151 13.14 15.03 -35.03
CA GLY C 151 11.94 14.42 -34.45
C GLY C 151 11.14 13.64 -35.47
N GLU C 152 11.04 14.14 -36.71
CA GLU C 152 10.32 13.40 -37.76
C GLU C 152 10.81 11.96 -37.86
N ASP C 153 12.13 11.79 -37.91
CA ASP C 153 12.77 10.48 -37.93
C ASP C 153 12.07 9.49 -37.01
N ILE C 154 11.87 9.90 -35.75
CA ILE C 154 11.23 9.03 -34.77
C ILE C 154 9.76 9.39 -34.65
N ARG C 155 9.29 10.32 -35.48
CA ARG C 155 7.86 10.61 -35.50
C ARG C 155 7.11 9.61 -36.35
N ALA C 156 7.71 9.25 -37.49
CA ALA C 156 7.17 8.20 -38.34
C ALA C 156 6.78 6.99 -37.50
N ASP C 157 7.70 6.54 -36.65
CA ASP C 157 7.53 5.27 -35.96
C ASP C 157 6.61 5.39 -34.75
N VAL C 158 6.59 6.54 -34.06
CA VAL C 158 5.66 6.68 -32.92
C VAL C 158 4.23 6.62 -33.42
N MET C 159 3.95 7.31 -34.53
CA MET C 159 2.63 7.20 -35.13
C MET C 159 2.41 5.80 -35.70
N ALA C 160 3.49 5.13 -36.11
CA ALA C 160 3.43 3.73 -36.53
C ALA C 160 3.48 2.76 -35.36
N ASP C 161 3.24 3.25 -34.13
CA ASP C 161 3.08 2.42 -32.93
C ASP C 161 4.23 1.50 -32.67
N ARG C 162 5.37 1.72 -33.31
CA ARG C 162 6.52 0.84 -33.16
C ARG C 162 7.16 1.13 -31.81
N VAL C 163 8.40 0.71 -31.64
CA VAL C 163 9.31 1.30 -30.67
C VAL C 163 10.53 1.63 -31.51
N PRO C 164 10.91 2.90 -31.59
CA PRO C 164 11.89 3.31 -32.59
C PRO C 164 13.28 2.90 -32.15
N ARG C 165 14.09 2.41 -33.09
CA ARG C 165 15.40 1.88 -32.75
C ARG C 165 16.44 2.30 -33.78
N CYS C 166 17.64 2.60 -33.30
CA CYS C 166 18.82 2.91 -34.10
C CYS C 166 19.12 1.84 -35.13
N PRO C 167 19.90 2.13 -36.17
CA PRO C 167 20.66 1.06 -36.83
C PRO C 167 21.87 0.65 -36.02
N VAL C 168 22.28 1.47 -35.07
CA VAL C 168 23.47 1.23 -34.26
C VAL C 168 23.11 0.20 -33.20
N CYS C 169 22.51 0.65 -32.10
CA CYS C 169 22.10 -0.28 -31.05
C CYS C 169 20.98 -1.19 -31.51
N THR C 170 20.28 -0.80 -32.59
CA THR C 170 18.93 -1.27 -32.86
C THR C 170 18.13 -1.16 -31.56
N GLY C 171 18.46 -0.15 -30.77
CA GLY C 171 17.88 0.00 -29.45
C GLY C 171 16.97 1.21 -29.42
N VAL C 172 15.95 1.09 -28.58
CA VAL C 172 14.87 2.07 -28.49
C VAL C 172 15.42 3.50 -28.44
N VAL C 173 15.24 4.26 -29.53
CA VAL C 173 15.45 5.71 -29.47
C VAL C 173 14.27 6.30 -28.69
N LYS C 174 14.34 7.59 -28.38
CA LYS C 174 13.35 8.19 -27.50
C LYS C 174 13.34 9.69 -27.72
N PRO C 175 12.18 10.35 -27.60
CA PRO C 175 12.16 11.81 -27.70
C PRO C 175 12.94 12.47 -26.58
N ASP C 176 13.41 13.68 -26.87
CA ASP C 176 14.18 14.44 -25.89
C ASP C 176 13.24 15.09 -24.89
N ILE C 177 12.36 14.28 -24.31
CA ILE C 177 11.62 14.67 -23.12
C ILE C 177 12.49 14.31 -21.92
N VAL C 178 12.75 15.29 -21.07
CA VAL C 178 13.61 15.09 -19.92
C VAL C 178 13.16 13.87 -19.13
N PHE C 179 14.10 12.99 -18.80
CA PHE C 179 13.83 11.86 -17.93
C PHE C 179 14.61 12.03 -16.64
N PHE C 180 14.12 11.37 -15.60
CA PHE C 180 14.84 11.39 -14.33
C PHE C 180 16.25 10.87 -14.56
N GLY C 181 17.23 11.55 -13.98
CA GLY C 181 18.62 11.16 -14.15
C GLY C 181 19.34 11.77 -15.34
N GLU C 182 18.60 12.40 -16.27
CA GLU C 182 19.18 13.19 -17.35
C GLU C 182 19.51 14.59 -16.82
N PRO C 183 20.45 15.30 -17.45
CA PRO C 183 20.77 16.65 -16.97
C PRO C 183 19.79 17.67 -17.51
N LEU C 184 19.53 18.69 -16.68
CA LEU C 184 18.45 19.60 -16.99
C LEU C 184 18.78 20.35 -18.28
N PRO C 185 17.75 20.75 -19.04
CA PRO C 185 17.97 21.40 -20.34
C PRO C 185 19.07 22.44 -20.27
N GLN C 186 19.82 22.59 -21.36
CA GLN C 186 20.90 23.56 -21.36
C GLN C 186 20.38 24.97 -21.24
N ARG C 187 19.16 25.20 -21.67
CA ARG C 187 18.70 26.57 -21.70
C ARG C 187 18.29 27.05 -20.32
N PHE C 188 18.10 26.12 -19.36
CA PHE C 188 17.50 26.50 -18.10
C PHE C 188 18.31 27.57 -17.39
N LEU C 189 19.63 27.60 -17.62
CA LEU C 189 20.47 28.55 -16.91
C LEU C 189 20.56 29.89 -17.63
N LEU C 190 19.90 30.06 -18.78
CA LEU C 190 19.72 31.42 -19.32
C LEU C 190 19.01 32.33 -18.31
N HIS C 191 18.34 31.75 -17.32
CA HIS C 191 17.65 32.56 -16.33
C HIS C 191 18.62 33.35 -15.51
N VAL C 192 19.89 32.93 -15.44
CA VAL C 192 20.83 33.69 -14.61
C VAL C 192 21.00 35.09 -15.16
N VAL C 193 20.83 35.29 -16.47
CA VAL C 193 20.90 36.62 -17.06
C VAL C 193 19.50 37.21 -17.31
N ASP C 194 18.53 36.38 -17.75
CA ASP C 194 17.18 36.87 -18.06
C ASP C 194 16.51 37.57 -16.89
N PHE C 195 16.26 36.82 -15.80
CA PHE C 195 15.39 37.32 -14.75
C PHE C 195 15.90 38.59 -14.08
N PRO C 196 17.17 38.69 -13.66
CA PRO C 196 17.64 39.97 -13.11
C PRO C 196 17.59 41.10 -14.12
N MET C 197 17.61 40.79 -15.42
CA MET C 197 17.45 41.81 -16.45
C MET C 197 15.98 42.19 -16.66
N ALA C 198 15.03 41.34 -16.24
CA ALA C 198 13.63 41.57 -16.54
C ALA C 198 13.01 42.58 -15.57
N ASP C 199 12.10 43.40 -16.10
CA ASP C 199 11.37 44.36 -15.28
C ASP C 199 9.92 43.95 -15.02
N LEU C 200 9.49 42.78 -15.51
CA LEU C 200 8.16 42.20 -15.26
C LEU C 200 8.26 40.68 -15.25
N LEU C 201 7.61 40.03 -14.28
CA LEU C 201 7.50 38.56 -14.23
C LEU C 201 6.05 38.14 -14.35
N LEU C 202 5.75 37.34 -15.36
CA LEU C 202 4.38 36.94 -15.67
C LEU C 202 4.30 35.42 -15.59
N ILE C 203 3.43 34.91 -14.72
CA ILE C 203 3.33 33.47 -14.40
C ILE C 203 1.93 33.01 -14.80
N LEU C 204 1.87 32.00 -15.68
CA LEU C 204 0.61 31.60 -16.32
C LEU C 204 0.33 30.13 -16.14
N GLY C 205 -0.89 29.80 -15.70
CA GLY C 205 -1.41 28.44 -15.71
C GLY C 205 -0.43 27.36 -15.30
N THR C 206 0.08 27.42 -14.06
CA THR C 206 1.13 26.57 -13.56
C THR C 206 0.94 26.38 -12.06
N SER C 207 1.10 25.13 -11.60
CA SER C 207 0.92 24.86 -10.18
C SER C 207 2.11 25.33 -9.34
N LEU C 208 3.27 25.56 -9.98
CA LEU C 208 4.52 25.95 -9.32
C LEU C 208 4.93 24.90 -8.30
N GLU C 209 4.74 23.62 -8.64
CA GLU C 209 4.96 22.55 -7.70
C GLU C 209 6.28 21.79 -7.93
N VAL C 210 6.74 21.67 -9.18
CA VAL C 210 8.01 21.01 -9.50
C VAL C 210 9.13 22.05 -9.57
N GLU C 211 10.14 21.81 -8.78
CA GLU C 211 11.40 22.53 -8.85
C GLU C 211 12.27 21.82 -9.89
N PRO C 212 13.25 22.51 -10.47
CA PRO C 212 13.72 23.88 -10.19
C PRO C 212 12.90 24.93 -10.89
N PHE C 213 11.88 24.52 -11.65
CA PHE C 213 10.97 25.48 -12.28
C PHE C 213 10.35 26.44 -11.28
N ALA C 214 9.84 25.93 -10.16
CA ALA C 214 9.07 26.78 -9.25
C ALA C 214 9.93 27.90 -8.67
N SER C 215 11.22 27.63 -8.43
CA SER C 215 12.12 28.62 -7.84
C SER C 215 12.34 29.86 -8.71
N LEU C 216 12.09 29.78 -10.02
CA LEU C 216 12.41 30.94 -10.84
C LEU C 216 11.64 32.17 -10.41
N THR C 217 10.50 31.97 -9.73
CA THR C 217 9.64 33.07 -9.27
C THR C 217 10.38 34.08 -8.39
N GLU C 218 11.44 33.67 -7.71
CA GLU C 218 12.11 34.59 -6.82
C GLU C 218 13.37 35.17 -7.44
N ALA C 219 13.73 34.70 -8.64
CA ALA C 219 14.90 35.15 -9.37
C ALA C 219 14.77 36.58 -9.91
N VAL C 220 13.60 37.19 -9.83
CA VAL C 220 13.50 38.56 -10.30
C VAL C 220 13.91 39.48 -9.15
N ARG C 221 14.45 40.64 -9.50
CA ARG C 221 14.73 41.65 -8.49
C ARG C 221 13.46 41.94 -7.70
N SER C 222 13.62 42.29 -6.41
CA SER C 222 12.47 42.63 -5.58
C SER C 222 11.70 43.85 -6.10
N SER C 223 12.30 44.62 -7.01
CA SER C 223 11.57 45.72 -7.64
C SER C 223 10.51 45.21 -8.61
N VAL C 224 10.65 43.98 -9.07
CA VAL C 224 9.99 43.52 -10.29
C VAL C 224 8.59 43.04 -9.98
N PRO C 225 7.57 43.66 -10.57
CA PRO C 225 6.20 43.16 -10.37
C PRO C 225 6.09 41.71 -10.80
N ARG C 226 5.31 40.95 -10.03
CA ARG C 226 5.17 39.50 -10.11
C ARG C 226 3.68 39.19 -10.28
N LEU C 227 3.30 38.62 -11.41
CA LEU C 227 1.90 38.52 -11.82
C LEU C 227 1.48 37.11 -12.17
N LEU C 228 0.44 36.63 -11.50
CA LEU C 228 -0.04 35.25 -11.62
C LEU C 228 -1.43 35.23 -12.21
N ILE C 229 -1.58 34.68 -13.42
CA ILE C 229 -2.87 34.21 -13.96
C ILE C 229 -2.98 32.70 -13.77
N ASN C 230 -3.60 32.31 -12.66
CA ASN C 230 -3.85 30.91 -12.38
C ASN C 230 -5.24 30.79 -11.78
N ARG C 231 -5.67 29.56 -11.48
CA ARG C 231 -6.94 29.36 -10.78
C ARG C 231 -6.86 29.77 -9.31
N ASP C 232 -5.68 29.74 -8.71
CA ASP C 232 -5.54 30.04 -7.29
C ASP C 232 -4.09 30.40 -6.99
N LEU C 233 -3.89 31.06 -5.84
CA LEU C 233 -2.60 31.60 -5.42
C LEU C 233 -1.72 30.44 -4.91
N VAL C 234 -0.59 30.18 -5.60
CA VAL C 234 0.21 28.96 -5.40
C VAL C 234 1.71 29.27 -5.36
N GLY C 235 2.47 28.24 -4.96
CA GLY C 235 3.90 28.26 -4.98
C GLY C 235 4.47 29.38 -4.14
N PRO C 236 5.56 30.00 -4.60
CA PRO C 236 6.19 31.04 -3.79
C PRO C 236 5.43 32.36 -3.78
N LEU C 237 4.32 32.47 -4.48
CA LEU C 237 3.52 33.69 -4.39
C LEU C 237 2.44 33.57 -3.33
N ALA C 238 2.09 32.34 -2.93
CA ALA C 238 1.19 32.12 -1.79
C ALA C 238 1.88 32.42 -0.46
N TRP C 239 3.11 31.93 -0.28
CA TRP C 239 3.82 32.00 0.99
C TRP C 239 4.78 33.19 1.14
N HIS C 240 5.35 33.69 0.03
CA HIS C 240 6.34 34.77 0.10
C HIS C 240 5.97 36.03 -0.67
N PRO C 241 4.72 36.51 -0.63
CA PRO C 241 4.34 37.61 -1.53
C PRO C 241 5.06 38.91 -1.19
N ARG C 242 5.28 39.71 -2.23
CA ARG C 242 6.06 40.94 -2.13
C ARG C 242 5.16 42.17 -2.25
N SER C 243 5.78 43.34 -2.09
CA SER C 243 5.03 44.60 -2.19
C SER C 243 4.32 44.74 -3.54
N ARG C 244 4.80 44.09 -4.61
CA ARG C 244 4.31 44.38 -5.96
C ARG C 244 3.68 43.18 -6.66
N ASP C 245 3.35 42.09 -5.96
CA ASP C 245 2.73 40.94 -6.61
C ASP C 245 1.24 41.16 -6.84
N VAL C 246 0.74 40.66 -7.96
CA VAL C 246 -0.63 40.86 -8.44
C VAL C 246 -1.22 39.50 -8.76
N ALA C 247 -2.31 39.15 -8.06
CA ALA C 247 -2.94 37.85 -8.22
C ALA C 247 -4.26 38.01 -8.96
N GLN C 248 -4.32 37.52 -10.21
CA GLN C 248 -5.57 37.40 -10.96
C GLN C 248 -6.00 35.93 -10.87
N LEU C 249 -6.87 35.64 -9.90
CA LEU C 249 -7.31 34.28 -9.62
C LEU C 249 -8.62 34.01 -10.33
N GLY C 250 -8.68 32.88 -11.01
CA GLY C 250 -9.75 32.55 -11.93
C GLY C 250 -9.20 31.73 -13.07
N ASP C 251 -10.07 31.48 -14.05
CA ASP C 251 -9.63 30.74 -15.22
C ASP C 251 -8.53 31.49 -15.96
N VAL C 252 -7.52 30.74 -16.43
CA VAL C 252 -6.36 31.36 -17.08
C VAL C 252 -6.78 32.09 -18.36
N VAL C 253 -7.72 31.52 -19.12
CA VAL C 253 -8.07 32.14 -20.39
C VAL C 253 -8.75 33.49 -20.19
N HIS C 254 -9.68 33.59 -19.22
CA HIS C 254 -10.32 34.88 -19.02
C HIS C 254 -9.41 35.89 -18.36
N GLY C 255 -8.49 35.45 -17.51
CA GLY C 255 -7.50 36.36 -16.96
C GLY C 255 -6.64 37.02 -18.03
N VAL C 256 -6.29 36.25 -19.07
CA VAL C 256 -5.59 36.86 -20.21
C VAL C 256 -6.55 37.75 -20.99
N GLU C 257 -7.80 37.32 -21.16
CA GLU C 257 -8.71 38.09 -22.00
C GLU C 257 -9.05 39.44 -21.39
N SER C 258 -9.09 39.55 -20.07
CA SER C 258 -9.32 40.85 -19.47
C SER C 258 -8.10 41.75 -19.66
N LEU C 259 -6.91 41.25 -19.28
CA LEU C 259 -5.69 42.02 -19.48
C LEU C 259 -5.49 42.35 -20.96
N VAL C 260 -5.79 41.40 -21.86
CA VAL C 260 -5.76 41.71 -23.29
C VAL C 260 -6.68 42.86 -23.64
N GLU C 261 -7.81 42.99 -22.93
CA GLU C 261 -8.62 44.19 -23.12
C GLU C 261 -8.08 45.39 -22.38
N LEU C 262 -7.48 45.19 -21.20
CA LEU C 262 -6.92 46.31 -20.46
C LEU C 262 -5.64 46.84 -21.08
N LEU C 263 -5.06 46.13 -22.05
CA LEU C 263 -4.03 46.67 -22.92
C LEU C 263 -4.60 47.15 -24.25
N GLY C 264 -5.87 46.86 -24.50
CA GLY C 264 -6.50 47.19 -25.76
C GLY C 264 -5.71 46.68 -26.94
N TRP C 265 -5.49 45.37 -27.01
CA TRP C 265 -5.07 44.68 -28.23
C TRP C 265 -6.14 43.76 -28.77
N THR C 266 -7.37 43.86 -28.23
CA THR C 266 -8.45 42.96 -28.63
C THR C 266 -8.56 42.83 -30.15
N GLU C 267 -8.42 43.92 -30.91
CA GLU C 267 -8.48 43.77 -32.36
C GLU C 267 -7.26 43.04 -32.89
N GLU C 268 -6.09 43.34 -32.33
CA GLU C 268 -4.87 42.66 -32.74
C GLU C 268 -4.96 41.15 -32.50
N MET C 269 -5.45 40.76 -31.31
CA MET C 269 -5.55 39.33 -30.98
C MET C 269 -6.48 38.62 -31.96
N ARG C 270 -7.64 39.24 -32.24
CA ARG C 270 -8.65 38.60 -33.09
C ARG C 270 -8.09 38.31 -34.49
N ASP C 271 -7.25 39.20 -35.00
CA ASP C 271 -6.72 39.10 -36.36
C ASP C 271 -5.43 38.30 -36.44
N LEU C 272 -4.57 38.43 -35.43
CA LEU C 272 -3.44 37.50 -35.31
C LEU C 272 -3.93 36.06 -35.24
N VAL C 273 -5.01 35.79 -34.49
CA VAL C 273 -5.51 34.43 -34.32
C VAL C 273 -6.08 33.90 -35.61
N GLN C 274 -7.06 34.62 -36.18
CA GLN C 274 -7.64 34.26 -37.47
C GLN C 274 -6.58 33.87 -38.49
N ARG C 275 -5.57 34.72 -38.64
CA ARG C 275 -4.52 34.51 -39.65
C ARG C 275 -3.77 33.21 -39.38
N GLU C 276 -3.49 32.90 -38.11
CA GLU C 276 -2.73 31.71 -37.73
C GLU C 276 -3.57 30.43 -37.84
N THR C 277 -4.90 30.53 -37.76
CA THR C 277 -5.77 29.36 -37.95
C THR C 277 -6.14 29.16 -39.44
N LYS D 6 2.46 -14.88 46.70
CA LYS D 6 2.15 -16.22 47.21
C LYS D 6 2.95 -17.30 46.47
N GLY D 7 2.25 -18.34 46.02
CA GLY D 7 2.86 -19.45 45.33
C GLY D 7 3.54 -19.11 44.01
N LYS D 8 4.24 -17.98 43.98
CA LYS D 8 4.60 -17.34 42.73
C LYS D 8 5.79 -18.04 42.06
N LEU D 9 6.14 -17.54 40.88
CA LEU D 9 7.06 -18.24 39.99
C LEU D 9 8.39 -17.51 39.93
N SER D 10 9.47 -18.25 40.10
CA SER D 10 10.82 -17.81 39.79
C SER D 10 11.33 -18.62 38.60
N LEU D 11 12.54 -18.30 38.16
CA LEU D 11 13.14 -19.03 37.05
C LEU D 11 13.29 -20.51 37.39
N GLN D 12 13.52 -20.83 38.67
CA GLN D 12 13.52 -22.21 39.11
C GLN D 12 12.20 -22.87 38.74
N ASP D 13 11.09 -22.26 39.16
CA ASP D 13 9.77 -22.78 38.84
C ASP D 13 9.61 -22.96 37.34
N VAL D 14 10.16 -22.03 36.55
CA VAL D 14 9.94 -22.06 35.11
C VAL D 14 10.76 -23.17 34.47
N ALA D 15 11.99 -23.40 34.94
CA ALA D 15 12.81 -24.43 34.33
C ALA D 15 12.16 -25.80 34.47
N GLU D 16 11.64 -26.11 35.65
CA GLU D 16 11.03 -27.42 35.88
C GLU D 16 9.63 -27.54 35.29
N LEU D 17 9.06 -26.46 34.75
CA LEU D 17 7.88 -26.64 33.92
C LEU D 17 8.26 -27.23 32.57
N ILE D 18 9.43 -26.85 32.06
CA ILE D 18 9.91 -27.36 30.80
C ILE D 18 10.53 -28.74 30.97
N ARG D 19 11.24 -28.97 32.08
CA ARG D 19 11.74 -30.31 32.39
C ARG D 19 10.57 -31.27 32.60
N ALA D 20 9.58 -30.86 33.39
CA ALA D 20 8.39 -31.69 33.63
C ALA D 20 7.51 -31.72 32.39
N ARG D 21 8.05 -31.24 31.26
CA ARG D 21 7.38 -31.09 29.98
C ARG D 21 5.92 -30.70 30.14
N ALA D 22 5.63 -29.92 31.18
CA ALA D 22 4.30 -29.37 31.35
C ALA D 22 4.11 -28.13 30.50
N CYS D 23 5.20 -27.48 30.13
CA CYS D 23 5.22 -26.48 29.06
C CYS D 23 5.91 -27.10 27.86
N GLN D 24 5.16 -27.27 26.77
CA GLN D 24 5.71 -27.86 25.55
C GLN D 24 5.33 -27.10 24.28
N ARG D 25 4.63 -25.97 24.41
CA ARG D 25 4.22 -25.12 23.29
C ARG D 25 4.71 -23.70 23.60
N VAL D 26 6.00 -23.45 23.35
CA VAL D 26 6.66 -22.20 23.72
C VAL D 26 6.60 -21.23 22.54
N VAL D 27 6.03 -20.04 22.77
CA VAL D 27 6.10 -18.95 21.80
C VAL D 27 7.14 -17.97 22.29
N VAL D 28 8.14 -17.67 21.47
CA VAL D 28 9.27 -16.85 21.88
C VAL D 28 9.27 -15.58 21.06
N MET D 29 9.36 -14.44 21.74
CA MET D 29 9.55 -13.12 21.11
C MET D 29 10.96 -12.61 21.37
N VAL D 30 11.69 -12.27 20.30
CA VAL D 30 13.06 -11.79 20.39
C VAL D 30 13.26 -10.51 19.59
N GLY D 31 13.97 -9.57 20.20
CA GLY D 31 14.42 -8.33 19.58
C GLY D 31 15.92 -8.23 19.60
N ALA D 32 16.45 -7.01 19.84
CA ALA D 32 17.85 -6.75 19.56
C ALA D 32 18.76 -7.16 20.70
N GLY D 33 18.24 -7.24 21.92
CA GLY D 33 19.00 -7.77 23.05
C GLY D 33 19.52 -9.19 22.94
N ILE D 34 19.22 -9.92 21.85
CA ILE D 34 19.90 -11.19 21.59
C ILE D 34 20.94 -11.07 20.47
N SER D 35 20.86 -10.05 19.62
CA SER D 35 21.81 -9.93 18.52
C SER D 35 22.92 -8.91 18.77
N THR D 36 22.72 -7.94 19.68
CA THR D 36 23.85 -7.10 20.10
C THR D 36 25.06 -7.90 20.58
N PRO D 37 24.94 -9.08 21.27
CA PRO D 37 26.15 -9.82 21.66
C PRO D 37 26.75 -10.70 20.57
N SER D 38 26.33 -10.51 19.33
CA SER D 38 27.03 -11.09 18.18
C SER D 38 27.76 -10.04 17.37
N GLY D 39 27.75 -8.78 17.82
CA GLY D 39 28.42 -7.70 17.13
C GLY D 39 27.52 -6.85 16.26
N ILE D 40 26.20 -6.97 16.41
CA ILE D 40 25.21 -6.35 15.54
C ILE D 40 24.94 -4.93 16.02
N PRO D 41 25.07 -3.93 15.15
CA PRO D 41 25.14 -2.53 15.63
C PRO D 41 23.87 -2.00 16.26
N ASP D 42 22.72 -2.20 15.60
CA ASP D 42 21.42 -1.60 15.96
C ASP D 42 21.36 -0.12 15.60
N PHE D 43 20.36 0.25 14.79
CA PHE D 43 20.26 1.59 14.24
C PHE D 43 19.49 2.55 15.13
N ARG D 44 18.93 2.08 16.24
CA ARG D 44 18.15 2.91 17.15
C ARG D 44 18.89 3.24 18.44
N SER D 45 20.17 2.90 18.52
CA SER D 45 21.00 3.17 19.69
C SER D 45 21.91 4.35 19.42
N PRO D 46 21.71 5.50 20.07
CA PRO D 46 22.66 6.60 19.88
C PRO D 46 24.06 6.16 20.28
N GLY D 47 25.05 6.55 19.47
CA GLY D 47 26.41 6.09 19.67
C GLY D 47 26.81 4.89 18.85
N SER D 48 25.88 4.29 18.11
CA SER D 48 26.22 3.29 17.11
C SER D 48 26.81 3.99 15.88
N GLY D 49 27.77 3.31 15.25
CA GLY D 49 28.30 3.83 13.99
C GLY D 49 27.24 3.95 12.94
N LEU D 50 26.21 3.10 12.99
CA LEU D 50 25.11 3.17 12.04
C LEU D 50 24.13 4.27 12.40
N TYR D 51 23.85 4.45 13.69
CA TYR D 51 22.99 5.55 14.11
C TYR D 51 23.57 6.88 13.65
N SER D 52 24.86 7.10 13.92
CA SER D 52 25.48 8.36 13.53
C SER D 52 25.48 8.55 12.03
N ASN D 53 25.75 7.50 11.26
CA ASN D 53 25.78 7.62 9.81
C ASN D 53 24.38 7.75 9.22
N LEU D 54 23.37 7.18 9.87
CA LEU D 54 21.98 7.42 9.46
C LEU D 54 21.49 8.77 9.96
N GLN D 55 21.76 9.09 11.24
CA GLN D 55 21.49 10.42 11.78
C GLN D 55 21.98 11.48 10.80
N GLN D 56 23.10 11.19 10.12
CA GLN D 56 23.66 12.13 9.16
C GLN D 56 22.72 12.33 7.98
N TYR D 57 21.86 11.37 7.70
CA TYR D 57 21.05 11.55 6.51
C TYR D 57 19.97 12.61 6.60
N ASP D 58 19.85 13.27 7.75
CA ASP D 58 18.85 14.32 7.95
C ASP D 58 17.47 13.83 7.45
N LEU D 59 17.11 12.62 7.87
CA LEU D 59 15.85 12.02 7.44
C LEU D 59 14.70 12.65 8.21
N PRO D 60 13.46 12.53 7.70
CA PRO D 60 12.31 12.84 8.56
C PRO D 60 12.25 11.82 9.67
N TYR D 61 11.41 10.87 9.60
CA TYR D 61 11.50 10.02 10.78
C TYR D 61 12.65 9.02 10.61
N PRO D 62 13.34 8.64 11.69
CA PRO D 62 14.50 7.74 11.55
C PRO D 62 14.18 6.41 10.89
N GLU D 63 12.91 6.00 10.86
CA GLU D 63 12.51 4.74 10.26
C GLU D 63 12.04 4.88 8.80
N ALA D 64 12.19 6.05 8.19
CA ALA D 64 11.83 6.20 6.79
C ALA D 64 12.69 5.32 5.88
N ILE D 65 13.80 4.77 6.39
CA ILE D 65 14.64 3.85 5.64
C ILE D 65 13.88 2.59 5.29
N PHE D 66 12.73 2.37 5.94
CA PHE D 66 11.85 1.23 5.74
C PHE D 66 10.55 1.63 5.07
N GLU D 67 10.51 2.77 4.41
CA GLU D 67 9.28 3.27 3.81
C GLU D 67 9.41 3.25 2.30
N LEU D 68 8.49 2.53 1.63
CA LEU D 68 8.65 2.32 0.19
C LEU D 68 8.66 3.62 -0.61
N PRO D 69 7.65 4.50 -0.54
CA PRO D 69 7.72 5.71 -1.38
C PRO D 69 8.99 6.55 -1.16
N PHE D 70 9.42 6.70 0.09
CA PHE D 70 10.72 7.31 0.35
C PHE D 70 11.83 6.57 -0.39
N PHE D 71 11.81 5.24 -0.36
CA PHE D 71 12.89 4.45 -0.96
C PHE D 71 12.98 4.66 -2.46
N PHE D 72 11.84 4.88 -3.13
CA PHE D 72 11.82 5.02 -4.59
C PHE D 72 12.58 6.23 -5.10
N HIS D 73 12.83 7.23 -4.26
CA HIS D 73 13.50 8.44 -4.65
C HIS D 73 14.81 8.65 -3.90
N ASN D 74 15.17 7.74 -3.00
CA ASN D 74 16.25 7.95 -2.05
C ASN D 74 16.63 6.61 -1.42
N PRO D 75 17.36 5.74 -2.13
CA PRO D 75 17.61 4.40 -1.65
C PRO D 75 18.84 4.25 -0.76
N LYS D 76 19.78 5.19 -0.86
CA LYS D 76 21.08 4.98 -0.23
C LYS D 76 21.02 4.90 1.29
N PRO D 77 20.15 5.63 2.02
CA PRO D 77 20.09 5.44 3.48
C PRO D 77 19.73 4.03 3.88
N PHE D 78 18.74 3.39 3.24
CA PHE D 78 18.42 2.01 3.61
C PHE D 78 19.66 1.14 3.48
N PHE D 79 20.40 1.31 2.38
CA PHE D 79 21.56 0.49 2.11
C PHE D 79 22.74 0.81 3.02
N THR D 80 22.71 1.94 3.72
CA THR D 80 23.67 2.19 4.80
C THR D 80 23.43 1.24 5.96
N LEU D 81 22.16 0.99 6.28
CA LEU D 81 21.81 -0.03 7.26
C LEU D 81 22.08 -1.43 6.76
N ALA D 82 21.98 -1.66 5.45
CA ALA D 82 22.08 -3.01 4.90
C ALA D 82 23.45 -3.63 5.15
N LYS D 83 24.53 -2.94 4.81
CA LYS D 83 25.83 -3.60 4.98
C LYS D 83 26.21 -3.72 6.45
N GLU D 84 25.65 -2.89 7.32
CA GLU D 84 25.86 -3.10 8.75
C GLU D 84 25.21 -4.39 9.23
N LEU D 85 24.15 -4.83 8.55
CA LEU D 85 23.32 -5.94 9.03
C LEU D 85 23.23 -7.08 8.01
N TYR D 86 24.08 -7.08 6.97
CA TYR D 86 23.86 -8.08 5.93
C TYR D 86 24.25 -9.48 6.45
N PRO D 87 23.65 -10.54 5.92
CA PRO D 87 24.05 -11.88 6.37
C PRO D 87 25.43 -12.25 5.86
N GLY D 88 26.11 -13.07 6.65
CA GLY D 88 27.43 -13.54 6.32
C GLY D 88 28.54 -12.85 7.07
N ASN D 89 28.27 -11.72 7.71
CA ASN D 89 29.28 -11.09 8.53
C ASN D 89 29.22 -11.50 10.01
N TYR D 90 28.14 -12.15 10.48
CA TYR D 90 27.96 -12.36 11.91
C TYR D 90 27.79 -13.85 12.22
N LYS D 91 27.70 -14.15 13.53
CA LYS D 91 27.58 -15.50 14.10
C LYS D 91 26.51 -15.51 15.16
N PRO D 92 25.67 -16.55 15.22
CA PRO D 92 24.74 -16.68 16.35
C PRO D 92 25.49 -16.92 17.64
N ASN D 93 24.81 -16.67 18.76
CA ASN D 93 25.39 -16.82 20.09
C ASN D 93 24.54 -17.76 20.94
N VAL D 94 24.90 -17.88 22.22
CA VAL D 94 24.24 -18.78 23.16
C VAL D 94 22.74 -18.52 23.22
N THR D 95 22.28 -17.32 22.82
CA THR D 95 20.84 -17.03 22.82
C THR D 95 20.15 -17.72 21.64
N HIS D 96 20.67 -17.49 20.42
CA HIS D 96 20.09 -18.12 19.23
C HIS D 96 20.12 -19.64 19.34
N TYR D 97 21.25 -20.21 19.80
CA TYR D 97 21.44 -21.65 19.84
C TYR D 97 20.64 -22.31 20.95
N PHE D 98 20.39 -21.60 22.05
CA PHE D 98 19.44 -22.08 23.04
C PHE D 98 18.07 -22.30 22.42
N LEU D 99 17.61 -21.34 21.60
CA LEU D 99 16.29 -21.45 20.99
C LEU D 99 16.25 -22.59 19.99
N ARG D 100 17.38 -22.87 19.37
CA ARG D 100 17.49 -24.07 18.55
C ARG D 100 17.27 -25.32 19.38
N LEU D 101 17.78 -25.35 20.61
CA LEU D 101 17.54 -26.49 21.51
C LEU D 101 16.08 -26.59 21.90
N LEU D 102 15.41 -25.44 22.11
CA LEU D 102 13.97 -25.47 22.31
C LEU D 102 13.29 -26.22 21.20
N HIS D 103 13.64 -25.88 19.97
CA HIS D 103 13.04 -26.53 18.81
C HIS D 103 13.34 -28.02 18.82
N ASP D 104 14.63 -28.37 18.83
CA ASP D 104 15.06 -29.76 18.73
C ASP D 104 14.36 -30.66 19.76
N LYS D 105 14.37 -30.25 21.04
CA LYS D 105 13.66 -30.96 22.09
C LYS D 105 12.07 -30.89 21.92
N GLY D 106 11.57 -30.42 20.78
CA GLY D 106 10.14 -30.37 20.50
C GLY D 106 9.31 -29.42 21.36
N LEU D 107 9.89 -28.31 21.83
CA LEU D 107 9.17 -27.43 22.75
C LEU D 107 8.76 -26.11 22.13
N LEU D 108 9.19 -25.83 20.90
CA LEU D 108 9.02 -24.54 20.26
C LEU D 108 7.76 -24.54 19.39
N LEU D 109 6.77 -23.73 19.78
CA LEU D 109 5.65 -23.44 18.89
C LEU D 109 6.03 -22.44 17.78
N ARG D 110 6.72 -21.35 18.13
CA ARG D 110 7.06 -20.32 17.15
C ARG D 110 8.02 -19.31 17.75
N LEU D 111 8.91 -18.81 16.90
CA LEU D 111 9.88 -17.79 17.28
C LEU D 111 9.56 -16.52 16.49
N TYR D 112 9.00 -15.53 17.20
CA TYR D 112 8.70 -14.21 16.63
C TYR D 112 9.91 -13.30 16.80
N THR D 113 10.50 -12.87 15.67
CA THR D 113 11.67 -11.99 15.68
C THR D 113 11.45 -10.67 14.96
N GLN D 114 11.94 -9.59 15.58
CA GLN D 114 12.00 -8.29 14.90
C GLN D 114 13.41 -7.98 14.38
N ASN D 115 14.37 -8.89 14.57
CA ASN D 115 15.70 -8.73 14.02
C ASN D 115 15.68 -8.99 12.50
N ILE D 116 16.77 -8.64 11.82
CA ILE D 116 16.84 -8.95 10.40
C ILE D 116 18.22 -9.49 10.02
N ASP D 117 19.02 -9.86 11.02
CA ASP D 117 20.33 -10.48 10.78
C ASP D 117 20.23 -11.92 10.30
N GLY D 118 19.08 -12.57 10.43
CA GLY D 118 18.94 -13.94 9.98
C GLY D 118 19.60 -15.01 10.83
N LEU D 119 20.07 -14.70 12.04
CA LEU D 119 20.76 -15.70 12.86
C LEU D 119 19.81 -16.62 13.63
N GLU D 120 18.51 -16.39 13.58
CA GLU D 120 17.57 -17.43 13.97
C GLU D 120 17.61 -18.61 13.00
N ARG D 121 17.53 -18.34 11.69
CA ARG D 121 17.62 -19.41 10.70
C ARG D 121 19.05 -19.91 10.54
N VAL D 122 20.06 -19.07 10.78
CA VAL D 122 21.44 -19.54 10.61
C VAL D 122 21.82 -20.52 11.72
N SER D 123 21.15 -20.45 12.88
CA SER D 123 21.36 -21.38 13.98
C SER D 123 20.69 -22.75 13.78
N GLY D 124 19.91 -22.95 12.70
CA GLY D 124 19.30 -24.23 12.43
C GLY D 124 17.82 -24.36 12.73
N ILE D 125 17.20 -23.35 13.34
CA ILE D 125 15.73 -23.33 13.49
C ILE D 125 15.11 -23.28 12.09
N PRO D 126 14.08 -24.06 11.79
CA PRO D 126 13.54 -24.07 10.42
C PRO D 126 12.56 -22.94 10.17
N ALA D 127 12.41 -22.61 8.88
CA ALA D 127 11.56 -21.51 8.46
C ALA D 127 10.14 -21.64 9.00
N SER D 128 9.62 -22.86 9.11
CA SER D 128 8.24 -23.08 9.53
C SER D 128 8.01 -22.73 10.99
N LYS D 129 9.07 -22.56 11.77
CA LYS D 129 8.97 -22.22 13.16
C LYS D 129 9.17 -20.73 13.41
N LEU D 130 9.32 -19.94 12.35
CA LEU D 130 9.69 -18.54 12.42
C LEU D 130 8.58 -17.64 11.93
N VAL D 131 8.42 -16.50 12.61
CA VAL D 131 7.79 -15.33 12.01
C VAL D 131 8.84 -14.22 12.02
N GLU D 132 9.41 -13.93 10.85
CA GLU D 132 10.40 -12.87 10.71
C GLU D 132 9.66 -11.55 10.46
N ALA D 133 9.19 -10.98 11.56
CA ALA D 133 8.20 -9.90 11.52
C ALA D 133 8.67 -8.76 10.63
N HIS D 134 9.98 -8.54 10.52
CA HIS D 134 10.48 -7.42 9.73
C HIS D 134 11.11 -7.86 8.42
N GLY D 135 10.89 -9.10 8.03
CA GLY D 135 11.44 -9.56 6.78
C GLY D 135 12.85 -10.16 6.94
N THR D 136 13.45 -10.41 5.78
CA THR D 136 14.71 -11.12 5.69
C THR D 136 15.60 -10.41 4.67
N PHE D 137 16.91 -10.58 4.83
CA PHE D 137 17.85 -10.18 3.80
C PHE D 137 18.19 -11.30 2.84
N ALA D 138 17.47 -12.41 2.91
CA ALA D 138 17.84 -13.60 2.16
C ALA D 138 17.24 -13.64 0.77
N SER D 139 16.32 -12.73 0.46
CA SER D 139 15.76 -12.64 -0.88
C SER D 139 15.57 -11.17 -1.20
N ALA D 140 15.42 -10.85 -2.49
CA ALA D 140 15.35 -9.47 -2.95
C ALA D 140 14.54 -9.41 -4.23
N THR D 141 13.93 -8.25 -4.49
CA THR D 141 13.04 -8.09 -5.62
C THR D 141 13.42 -6.83 -6.38
N CYS D 142 13.25 -6.85 -7.71
CA CYS D 142 13.30 -5.63 -8.51
C CYS D 142 12.15 -4.70 -8.13
N THR D 143 12.46 -3.40 -8.06
CA THR D 143 11.42 -2.41 -7.82
C THR D 143 10.69 -2.04 -9.10
N VAL D 144 11.27 -2.33 -10.26
CA VAL D 144 10.70 -2.01 -11.56
C VAL D 144 10.03 -3.22 -12.17
N CYS D 145 10.82 -4.24 -12.49
CA CYS D 145 10.29 -5.44 -13.14
C CYS D 145 9.75 -6.42 -12.12
N GLN D 146 9.65 -5.99 -10.86
CA GLN D 146 8.95 -6.63 -9.75
C GLN D 146 8.91 -8.15 -9.83
N ARG D 147 10.06 -8.78 -10.01
CA ARG D 147 10.07 -10.23 -9.98
C ARG D 147 11.29 -10.77 -9.24
N PRO D 148 12.51 -10.70 -9.82
CA PRO D 148 13.70 -11.37 -9.27
C PRO D 148 13.66 -12.32 -8.06
N PHE D 149 14.79 -12.37 -7.31
CA PHE D 149 14.99 -13.04 -6.02
C PHE D 149 16.45 -13.06 -5.55
N PRO D 150 17.43 -13.50 -6.36
CA PRO D 150 18.78 -13.78 -5.83
C PRO D 150 19.23 -12.98 -4.62
N GLY D 151 19.37 -13.69 -3.49
CA GLY D 151 19.66 -13.09 -2.19
C GLY D 151 21.02 -12.45 -2.09
N GLU D 152 22.00 -13.12 -1.50
CA GLU D 152 23.37 -12.81 -1.82
C GLU D 152 23.54 -12.96 -3.32
N ASP D 153 23.97 -11.88 -3.97
CA ASP D 153 23.88 -11.62 -5.41
C ASP D 153 23.81 -10.11 -5.60
N ILE D 154 22.88 -9.50 -4.88
CA ILE D 154 22.96 -8.08 -4.60
C ILE D 154 24.01 -7.79 -3.53
N ARG D 155 24.54 -8.84 -2.91
CA ARG D 155 25.71 -8.72 -2.06
C ARG D 155 26.92 -8.46 -2.95
N ALA D 156 28.01 -8.01 -2.32
CA ALA D 156 29.17 -7.37 -2.96
C ALA D 156 28.82 -5.93 -3.29
N ASP D 157 27.70 -5.70 -4.00
CA ASP D 157 27.18 -4.33 -4.12
C ASP D 157 26.98 -3.73 -2.74
N VAL D 158 26.49 -4.52 -1.79
CA VAL D 158 26.18 -4.00 -0.46
C VAL D 158 27.45 -3.76 0.32
N MET D 159 28.46 -4.63 0.17
CA MET D 159 29.79 -4.39 0.72
C MET D 159 30.39 -3.10 0.18
N ALA D 160 30.30 -2.90 -1.13
CA ALA D 160 31.02 -1.85 -1.83
C ALA D 160 30.25 -0.53 -1.88
N ASP D 161 29.33 -0.30 -0.95
CA ASP D 161 28.60 0.97 -0.87
C ASP D 161 27.89 1.34 -2.18
N ARG D 162 27.60 0.36 -3.02
CA ARG D 162 26.89 0.60 -4.27
C ARG D 162 25.42 0.20 -4.14
N VAL D 163 24.55 0.93 -4.84
CA VAL D 163 23.12 0.64 -4.85
C VAL D 163 22.86 -0.46 -5.88
N PRO D 164 22.47 -1.66 -5.46
CA PRO D 164 22.36 -2.80 -6.39
C PRO D 164 21.24 -2.65 -7.42
N ARG D 165 21.46 -3.27 -8.58
CA ARG D 165 20.61 -3.05 -9.75
C ARG D 165 20.35 -4.37 -10.45
N CYS D 166 19.06 -4.63 -10.81
CA CYS D 166 18.77 -5.86 -11.52
C CYS D 166 19.16 -5.73 -13.00
N PRO D 167 19.71 -6.79 -13.57
CA PRO D 167 20.29 -6.75 -14.92
C PRO D 167 19.50 -6.10 -16.06
N VAL D 168 18.23 -5.73 -15.88
CA VAL D 168 17.42 -5.26 -17.00
C VAL D 168 16.75 -3.91 -16.77
N CYS D 169 16.73 -3.37 -15.56
CA CYS D 169 16.18 -2.03 -15.42
C CYS D 169 16.79 -1.36 -14.21
N THR D 170 18.09 -1.54 -14.03
CA THR D 170 18.70 -1.24 -12.74
C THR D 170 17.78 -1.72 -11.61
N GLY D 171 16.86 -0.88 -11.19
CA GLY D 171 15.74 -1.35 -10.41
C GLY D 171 15.96 -1.47 -8.93
N VAL D 172 17.03 -0.87 -8.40
CA VAL D 172 17.28 -0.75 -6.96
C VAL D 172 16.72 -1.95 -6.21
N VAL D 173 16.96 -3.15 -6.76
CA VAL D 173 16.44 -4.40 -6.21
C VAL D 173 16.53 -4.39 -4.69
N LYS D 174 15.36 -4.53 -4.04
CA LYS D 174 15.25 -4.26 -2.62
C LYS D 174 15.28 -5.55 -1.82
N PRO D 175 16.17 -5.69 -0.85
CA PRO D 175 16.07 -6.82 0.08
C PRO D 175 14.69 -6.93 0.72
N ASP D 176 14.25 -8.17 0.94
CA ASP D 176 12.89 -8.46 1.41
C ASP D 176 12.72 -8.13 2.88
N ILE D 177 13.17 -6.92 3.24
CA ILE D 177 12.75 -6.26 4.46
C ILE D 177 11.38 -5.67 4.21
N VAL D 178 10.44 -5.89 5.14
CA VAL D 178 9.09 -5.38 4.96
C VAL D 178 9.10 -3.87 5.12
N PHE D 179 8.64 -3.14 4.11
CA PHE D 179 8.57 -1.68 4.10
C PHE D 179 7.13 -1.18 4.28
N PHE D 180 6.98 -0.01 4.94
CA PHE D 180 5.71 0.72 4.93
C PHE D 180 5.24 0.88 3.49
N GLY D 181 4.00 0.51 3.20
CA GLY D 181 3.47 0.58 1.85
C GLY D 181 3.55 -0.71 1.06
N GLU D 182 4.22 -1.73 1.57
CA GLU D 182 4.19 -3.05 0.97
C GLU D 182 3.06 -3.87 1.56
N PRO D 183 2.59 -4.89 0.84
CA PRO D 183 1.71 -5.88 1.48
C PRO D 183 2.48 -6.59 2.57
N LEU D 184 1.87 -6.70 3.73
CA LEU D 184 2.61 -7.22 4.85
C LEU D 184 2.59 -8.74 4.82
N PRO D 185 3.52 -9.38 5.55
CA PRO D 185 3.57 -10.85 5.55
C PRO D 185 2.23 -11.48 5.96
N GLN D 186 1.73 -12.36 5.10
CA GLN D 186 0.58 -13.19 5.46
C GLN D 186 0.89 -14.10 6.64
N ARG D 187 2.15 -14.54 6.78
CA ARG D 187 2.54 -15.33 7.95
C ARG D 187 2.33 -14.57 9.25
N PHE D 188 2.27 -13.23 9.25
CA PHE D 188 2.03 -12.58 10.53
C PHE D 188 0.64 -12.90 11.04
N LEU D 189 -0.29 -13.26 10.15
CA LEU D 189 -1.61 -13.67 10.61
C LEU D 189 -1.56 -14.84 11.58
N LEU D 190 -0.47 -15.61 11.59
CA LEU D 190 -0.38 -16.73 12.51
C LEU D 190 -0.51 -16.31 13.97
N HIS D 191 -0.21 -15.05 14.30
CA HIS D 191 -0.39 -14.63 15.69
C HIS D 191 -1.79 -14.92 16.21
N VAL D 192 -2.81 -14.86 15.32
CA VAL D 192 -4.20 -15.21 15.64
C VAL D 192 -4.35 -16.56 16.34
N VAL D 193 -3.63 -17.59 15.87
CA VAL D 193 -3.72 -18.92 16.49
C VAL D 193 -2.52 -19.26 17.34
N ASP D 194 -1.36 -18.65 17.12
CA ASP D 194 -0.20 -19.04 17.91
C ASP D 194 -0.31 -18.58 19.36
N PHE D 195 -0.79 -17.34 19.58
CA PHE D 195 -0.73 -16.74 20.91
C PHE D 195 -1.79 -17.31 21.86
N PRO D 196 -2.96 -17.75 21.37
CA PRO D 196 -3.80 -18.57 22.25
C PRO D 196 -3.18 -19.92 22.59
N MET D 197 -2.64 -20.64 21.61
CA MET D 197 -2.17 -22.02 21.84
C MET D 197 -1.05 -22.09 22.85
N ALA D 198 -0.33 -20.99 23.05
CA ALA D 198 0.93 -21.01 23.78
C ALA D 198 0.70 -21.35 25.24
N ASP D 199 1.38 -22.40 25.72
CA ASP D 199 1.41 -22.72 27.14
C ASP D 199 2.55 -22.02 27.86
N LEU D 200 3.28 -21.14 27.17
CA LEU D 200 4.45 -20.45 27.71
C LEU D 200 4.89 -19.30 26.79
N LEU D 201 5.05 -18.10 27.33
CA LEU D 201 5.57 -16.97 26.57
C LEU D 201 6.95 -16.59 27.10
N LEU D 202 7.96 -16.74 26.26
CA LEU D 202 9.32 -16.33 26.56
C LEU D 202 9.69 -15.05 25.82
N ILE D 203 10.08 -14.02 26.57
CA ILE D 203 10.47 -12.72 26.00
C ILE D 203 11.98 -12.55 26.20
N LEU D 204 12.73 -12.65 25.10
CA LEU D 204 14.19 -12.58 25.11
C LEU D 204 14.69 -11.30 24.47
N GLY D 205 15.46 -10.52 25.23
CA GLY D 205 16.23 -9.42 24.69
C GLY D 205 15.49 -8.48 23.75
N THR D 206 14.29 -8.06 24.14
CA THR D 206 13.55 -7.07 23.36
C THR D 206 12.98 -6.05 24.34
N SER D 207 13.04 -4.79 23.92
CA SER D 207 12.51 -3.68 24.69
C SER D 207 10.98 -3.62 24.70
N LEU D 208 10.27 -4.59 24.11
CA LEU D 208 8.84 -4.49 23.81
C LEU D 208 8.43 -3.05 23.56
N GLU D 209 9.08 -2.40 22.60
CA GLU D 209 8.89 -0.98 22.37
C GLU D 209 8.10 -0.73 21.10
N VAL D 210 8.42 -1.42 20.01
CA VAL D 210 7.76 -1.16 18.74
C VAL D 210 6.78 -2.27 18.41
N GLU D 211 5.53 -1.90 18.32
CA GLU D 211 4.37 -2.74 18.07
C GLU D 211 4.61 -3.65 16.86
N PRO D 212 3.82 -4.73 16.69
CA PRO D 212 2.68 -5.17 17.50
C PRO D 212 3.16 -6.06 18.61
N PHE D 213 4.48 -6.13 18.63
CA PHE D 213 5.21 -7.03 19.50
C PHE D 213 4.81 -6.84 20.95
N ALA D 214 4.65 -5.58 21.39
CA ALA D 214 4.31 -5.31 22.78
C ALA D 214 2.86 -5.71 23.08
N SER D 215 1.96 -5.45 22.15
CA SER D 215 0.58 -5.86 22.36
C SER D 215 0.43 -7.37 22.41
N LEU D 216 1.31 -8.10 21.73
CA LEU D 216 1.12 -9.53 21.63
C LEU D 216 1.38 -10.22 22.96
N THR D 217 2.22 -9.64 23.83
CA THR D 217 2.47 -10.24 25.13
C THR D 217 1.19 -10.46 25.92
N GLU D 218 0.12 -9.75 25.58
CA GLU D 218 -1.12 -9.88 26.31
C GLU D 218 -2.14 -10.77 25.61
N ALA D 219 -1.84 -11.21 24.39
CA ALA D 219 -2.71 -12.15 23.70
C ALA D 219 -2.72 -13.54 24.33
N VAL D 220 -1.73 -13.86 25.17
CA VAL D 220 -1.67 -15.20 25.74
C VAL D 220 -2.61 -15.32 26.91
N ARG D 221 -3.15 -16.54 27.11
CA ARG D 221 -4.10 -16.83 28.18
C ARG D 221 -3.53 -16.42 29.54
N SER D 222 -4.41 -15.91 30.39
CA SER D 222 -3.99 -15.41 31.71
C SER D 222 -3.29 -16.48 32.54
N SER D 223 -3.58 -17.76 32.28
CA SER D 223 -2.86 -18.83 32.95
C SER D 223 -1.43 -18.94 32.46
N VAL D 224 -1.13 -18.45 31.27
CA VAL D 224 0.20 -18.70 30.71
C VAL D 224 1.21 -17.78 31.37
N PRO D 225 2.37 -18.29 31.79
CA PRO D 225 3.40 -17.42 32.33
C PRO D 225 4.11 -16.64 31.23
N ARG D 226 4.73 -15.54 31.64
CA ARG D 226 5.57 -14.72 30.77
C ARG D 226 6.91 -14.56 31.47
N LEU D 227 7.97 -15.13 30.90
CA LEU D 227 9.33 -15.01 31.40
C LEU D 227 10.11 -14.02 30.54
N LEU D 228 10.62 -12.96 31.18
CA LEU D 228 11.30 -11.87 30.50
C LEU D 228 12.78 -11.95 30.82
N ILE D 229 13.61 -12.21 29.80
CA ILE D 229 15.06 -12.13 29.94
C ILE D 229 15.58 -10.95 29.15
N ASN D 230 15.60 -9.78 29.79
CA ASN D 230 15.99 -8.52 29.17
C ASN D 230 16.37 -7.52 30.27
N ARG D 231 17.27 -6.58 29.93
CA ARG D 231 17.85 -5.65 30.90
C ARG D 231 16.84 -5.09 31.91
N ASP D 232 15.69 -4.61 31.45
CA ASP D 232 14.70 -4.02 32.35
C ASP D 232 13.30 -4.49 31.97
N LEU D 233 12.44 -4.65 32.98
CA LEU D 233 11.05 -4.96 32.69
C LEU D 233 10.44 -3.83 31.87
N VAL D 234 9.62 -4.19 30.90
CA VAL D 234 9.21 -3.18 29.94
C VAL D 234 7.90 -3.62 29.31
N GLY D 235 7.23 -2.70 28.62
CA GLY D 235 6.00 -3.01 27.93
C GLY D 235 4.90 -3.44 28.89
N PRO D 236 4.02 -4.32 28.41
CA PRO D 236 2.94 -4.80 29.27
C PRO D 236 3.43 -5.55 30.48
N LEU D 237 4.58 -6.23 30.38
CA LEU D 237 5.12 -6.86 31.57
C LEU D 237 5.42 -5.83 32.63
N ALA D 238 5.80 -4.62 32.22
CA ALA D 238 5.97 -3.52 33.17
C ALA D 238 4.64 -2.99 33.67
N TRP D 239 3.69 -2.79 32.76
CA TRP D 239 2.46 -2.04 33.04
C TRP D 239 1.27 -2.94 33.39
N HIS D 240 1.13 -4.13 32.82
CA HIS D 240 -0.05 -4.97 33.07
C HIS D 240 0.36 -6.37 33.50
N PRO D 241 1.12 -6.50 34.58
CA PRO D 241 1.69 -7.81 34.95
C PRO D 241 0.63 -8.72 35.55
N ARG D 242 0.87 -10.02 35.38
CA ARG D 242 -0.07 -11.08 35.77
C ARG D 242 0.54 -11.93 36.87
N SER D 243 -0.24 -12.91 37.35
CA SER D 243 0.21 -13.70 38.49
C SER D 243 1.41 -14.56 38.14
N ARG D 244 1.52 -14.99 36.88
CA ARG D 244 2.56 -15.93 36.48
C ARG D 244 3.70 -15.24 35.74
N ASP D 245 3.94 -13.96 35.99
CA ASP D 245 4.97 -13.21 35.26
C ASP D 245 6.30 -13.27 36.02
N VAL D 246 7.33 -13.80 35.37
CA VAL D 246 8.67 -13.84 35.95
C VAL D 246 9.63 -13.13 35.01
N ALA D 247 10.65 -12.51 35.57
CA ALA D 247 11.60 -11.76 34.77
C ALA D 247 12.99 -11.88 35.37
N GLN D 248 13.94 -12.28 34.54
CA GLN D 248 15.36 -12.19 34.86
C GLN D 248 15.91 -10.92 34.22
N LEU D 249 15.66 -9.80 34.90
CA LEU D 249 16.21 -8.50 34.51
C LEU D 249 17.74 -8.55 34.61
N GLY D 250 18.42 -8.14 33.56
CA GLY D 250 19.87 -8.26 33.50
C GLY D 250 20.31 -8.69 32.12
N ASP D 251 21.60 -8.97 32.01
CA ASP D 251 22.18 -9.35 30.72
C ASP D 251 21.48 -10.61 30.18
N VAL D 252 21.08 -10.53 28.91
CA VAL D 252 20.38 -11.63 28.25
C VAL D 252 21.25 -12.88 28.24
N VAL D 253 22.53 -12.72 27.92
CA VAL D 253 23.38 -13.90 27.76
C VAL D 253 23.55 -14.62 29.08
N HIS D 254 23.99 -13.91 30.12
CA HIS D 254 24.02 -14.52 31.44
C HIS D 254 22.62 -15.00 31.83
N GLY D 255 21.61 -14.27 31.38
CA GLY D 255 20.23 -14.68 31.64
C GLY D 255 19.91 -16.04 31.04
N VAL D 256 20.26 -16.25 29.77
CA VAL D 256 19.89 -17.51 29.15
C VAL D 256 20.77 -18.65 29.66
N GLU D 257 21.98 -18.34 30.12
CA GLU D 257 22.84 -19.40 30.66
C GLU D 257 22.33 -19.90 32.02
N SER D 258 21.94 -18.98 32.91
CA SER D 258 21.37 -19.41 34.19
C SER D 258 20.06 -20.17 34.02
N LEU D 259 19.26 -19.83 33.01
CA LEU D 259 18.08 -20.65 32.72
C LEU D 259 18.52 -21.97 32.08
N VAL D 260 19.54 -21.94 31.21
CA VAL D 260 19.99 -23.18 30.56
C VAL D 260 20.60 -24.13 31.58
N GLU D 261 21.30 -23.59 32.59
CA GLU D 261 21.85 -24.42 33.66
C GLU D 261 20.78 -24.90 34.63
N LEU D 262 19.61 -24.26 34.65
CA LEU D 262 18.50 -24.71 35.47
C LEU D 262 17.70 -25.84 34.81
N LEU D 263 17.83 -25.99 33.48
CA LEU D 263 17.28 -27.12 32.75
C LEU D 263 18.20 -28.32 32.68
N GLY D 264 19.51 -28.11 32.84
CA GLY D 264 20.50 -29.15 32.64
C GLY D 264 20.97 -29.29 31.21
N TRP D 265 20.65 -28.34 30.34
CA TRP D 265 21.09 -28.40 28.95
C TRP D 265 22.49 -27.85 28.74
N THR D 266 23.21 -27.52 29.82
CA THR D 266 24.52 -26.90 29.72
C THR D 266 25.44 -27.67 28.76
N GLU D 267 25.48 -28.99 28.92
CA GLU D 267 26.32 -29.82 28.05
C GLU D 267 25.82 -29.83 26.61
N GLU D 268 24.53 -30.16 26.42
CA GLU D 268 23.96 -30.22 25.07
C GLU D 268 24.33 -28.97 24.31
N MET D 269 24.18 -27.83 24.98
CA MET D 269 24.58 -26.52 24.48
C MET D 269 26.03 -26.54 24.05
N ARG D 270 26.93 -26.45 25.04
CA ARG D 270 28.38 -26.48 24.82
C ARG D 270 28.75 -27.38 23.65
N ASP D 271 28.11 -28.56 23.59
CA ASP D 271 28.30 -29.43 22.44
C ASP D 271 27.80 -28.78 21.16
N LEU D 272 26.58 -28.21 21.20
CA LEU D 272 25.95 -27.72 19.98
C LEU D 272 26.67 -26.49 19.43
N VAL D 273 27.08 -25.58 20.33
CA VAL D 273 27.80 -24.39 19.89
C VAL D 273 29.14 -24.78 19.28
N GLN D 274 29.71 -25.90 19.76
CA GLN D 274 30.96 -26.40 19.20
C GLN D 274 30.72 -27.11 17.87
N ARG D 275 29.74 -28.02 17.84
CA ARG D 275 29.40 -28.69 16.58
C ARG D 275 29.01 -27.69 15.50
N GLU D 276 28.05 -26.81 15.81
CA GLU D 276 27.59 -25.86 14.82
C GLU D 276 28.76 -25.02 14.31
N THR D 277 29.51 -24.39 15.23
CA THR D 277 30.67 -23.61 14.83
C THR D 277 31.83 -24.53 14.45
#